data_4J2D
#
_entry.id   4J2D
#
_cell.length_a   75.439
_cell.length_b   119.806
_cell.length_c   130.039
_cell.angle_alpha   90.00
_cell.angle_beta   90.00
_cell.angle_gamma   90.00
#
_symmetry.space_group_name_H-M   'P 21 21 21'
#
loop_
_entity.id
_entity.type
_entity.pdbx_description
1 polymer 'DNA polymerase'
2 polymer "DNA (5'-D(*TP*CP*GP*AP*GP*TP*AP*AP*GP*CP*AP*GP*TP*CP*CP*GP*CP*G)-3')"
3 polymer "DNA (5'-D(*GP*CP*GP*GP*AP*CP*TP*GP*CP*TP*TP*AP*T)-3')"
4 non-polymer "THYMIDINE-5'-TRIPHOSPHATE"
5 non-polymer 'CALCIUM ION'
6 water water
#
loop_
_entity_poly.entity_id
_entity_poly.type
_entity_poly.pdbx_seq_one_letter_code
_entity_poly.pdbx_strand_id
1 'polypeptide(L)'
;MKEFYLTVEQIGDSIFERYIDSNGRERTREVEYKPSLFAHCPESQATKYFDIYGKPCTRKLFANMRDASQWIKRMEDIGL
EALGMDDFKLAYLSDTYNYEIKYDHTKIRVANFDIEVTSPDGFPEPSQAKHPIDAITHYDSIDDRFYVFDLLNSPYGNVE
EWSIEIAAKLQEQGGDEVPSEIIDKIIYMPFDNEKELLMEYLNFWQQKTPVILTGWNVESFAIPYVYNRIKNIFGESTAK
RLSPHRKTRVKVIENMYGSREIITLFGISVLDYIDLYKKFSFTNQPSYSLDYISEFELNVGKLKYDGPISKLRESNHQRY
ISYNIIAVYRVLQIDAKRQFINLSLDMGYYAKIQIQSVFSPIKTWDAIIFNSLKEQNKVIPQGRSHPVQPYPGAFVKEPI
PNRYKYVMSFDLTSKYPSIIRQVNISPETIAGTFKVAPLHDYINAVAERPSDVYSCSPNGMMYYKDRDGVVPTEITKVFN
QRKEHKGYMLAAQRNGEIIKEALHNPNLSVDEPLDVDYRFDFSDEIKEKIKKLSAKSLNEMLFRAQRTEVAGMTAQINRK
LLINSLYGALGNVWFRYYDLRNATAITTFGQMALQWIERKVNEYLNEVCGTEGEAFVLYGDTDSIYVSADKIIDKVGESK
FRDTNHWVDFLDKFARERMEPAIDRGFREMCEYMNNKQHLMFMDREAIAGPPLGSKGIGGFWTGKKRYALNVWDMEGTRY
AEPKLKIMGLETQKSSTPKAVQKALKECIRRMLQEGEESLQEYFKEFEKEFRQLNYISIASVSSANNIAKYDVGGFPGPK
CPFHIRGILTYNRAIKGNIDAPQVVEGEKVYVLPLREGNPFGDKCIAWPSGTEITDLIKDDVLHWMDYTVLLEKTFIKPL
EGFTSAAKLDYEKKASLFDMF
;
A
2 'polydeoxyribonucleotide' (DT)(DC)(DG)(DA)(DG)(DT)(DA)(DA)(DG)(DC)(DA)(DG)(DT)(DC)(DC)(DG)(DC)(DG) T
3 'polydeoxyribonucleotide' (DG)(DC)(DG)(DG)(DA)(DC)(DT)(DG)(DC)(DT)(DT)(DA)(DT) P
#
loop_
_chem_comp.id
_chem_comp.type
_chem_comp.name
_chem_comp.formula
CA non-polymer 'CALCIUM ION' 'Ca 2'
DA DNA linking 2'-DEOXYADENOSINE-5'-MONOPHOSPHATE 'C10 H14 N5 O6 P'
DC DNA linking 2'-DEOXYCYTIDINE-5'-MONOPHOSPHATE 'C9 H14 N3 O7 P'
DG DNA linking 2'-DEOXYGUANOSINE-5'-MONOPHOSPHATE 'C10 H14 N5 O7 P'
DT DNA linking THYMIDINE-5'-MONOPHOSPHATE 'C10 H15 N2 O8 P'
TTP non-polymer THYMIDINE-5'-TRIPHOSPHATE 'C10 H17 N2 O14 P3'
#
# COMPACT_ATOMS: atom_id res chain seq x y z
N MET A 1 -19.73 29.32 -4.49
CA MET A 1 -19.39 27.87 -4.63
C MET A 1 -20.30 27.00 -3.75
N LYS A 2 -20.30 25.70 -4.02
CA LYS A 2 -21.03 24.76 -3.18
C LYS A 2 -20.25 24.55 -1.88
N GLU A 3 -20.96 24.49 -0.76
CA GLU A 3 -20.30 24.34 0.53
C GLU A 3 -19.76 22.91 0.67
N PHE A 4 -18.73 22.72 1.48
CA PHE A 4 -18.28 21.39 1.85
C PHE A 4 -17.69 21.36 3.25
N TYR A 5 -17.87 20.24 3.93
CA TYR A 5 -17.36 20.09 5.29
C TYR A 5 -15.85 19.95 5.26
N LEU A 6 -15.23 20.29 6.38
CA LEU A 6 -13.80 20.05 6.62
C LEU A 6 -13.68 18.93 7.66
N THR A 7 -14.31 19.14 8.82
CA THR A 7 -14.37 18.13 9.86
C THR A 7 -15.75 18.11 10.49
N VAL A 8 -16.08 16.99 11.13
CA VAL A 8 -17.32 16.86 11.87
C VAL A 8 -17.09 15.99 13.10
N GLU A 9 -17.71 16.36 14.22
CA GLU A 9 -17.64 15.58 15.44
C GLU A 9 -18.99 15.61 16.14
N GLN A 10 -19.28 14.55 16.88
CA GLN A 10 -20.38 14.55 17.85
C GLN A 10 -19.79 14.77 19.23
N ILE A 11 -20.26 15.81 19.92
CA ILE A 11 -19.89 16.05 21.31
C ILE A 11 -21.17 16.16 22.12
N GLY A 12 -21.53 15.07 22.81
CA GLY A 12 -22.81 15.00 23.52
C GLY A 12 -23.95 15.13 22.52
N ASP A 13 -24.84 16.10 22.77
CA ASP A 13 -26.00 16.28 21.90
C ASP A 13 -25.77 17.31 20.79
N SER A 14 -24.51 17.69 20.58
CA SER A 14 -24.16 18.65 19.53
C SER A 14 -23.27 18.00 18.47
N ILE A 15 -23.53 18.37 17.22
CA ILE A 15 -22.58 18.14 16.13
C ILE A 15 -21.76 19.42 16.03
N PHE A 16 -20.44 19.28 16.08
CA PHE A 16 -19.53 20.39 15.81
C PHE A 16 -18.93 20.19 14.43
N GLU A 17 -19.14 21.15 13.55
CA GLU A 17 -18.70 21.04 12.17
C GLU A 17 -17.85 22.25 11.78
N ARG A 18 -16.68 21.97 11.21
CA ARG A 18 -15.91 22.98 10.51
C ARG A 18 -16.16 22.80 9.03
N TYR A 19 -16.40 23.90 8.32
CA TYR A 19 -16.74 23.80 6.90
C TYR A 19 -16.33 25.03 6.11
N ILE A 20 -16.36 24.89 4.78
CA ILE A 20 -16.15 25.99 3.87
C ILE A 20 -17.53 26.44 3.37
N ASP A 21 -17.85 27.72 3.60
CA ASP A 21 -19.17 28.25 3.22
C ASP A 21 -19.24 28.62 1.73
N SER A 22 -20.40 29.12 1.28
CA SER A 22 -20.62 29.37 -0.13
C SER A 22 -19.73 30.47 -0.72
N ASN A 23 -19.05 31.22 0.15
CA ASN A 23 -18.12 32.26 -0.27
C ASN A 23 -16.66 31.85 -0.14
N GLY A 24 -16.42 30.58 0.20
CA GLY A 24 -15.07 30.04 0.27
C GLY A 24 -14.33 30.30 1.58
N ARG A 25 -15.05 30.68 2.63
CA ARG A 25 -14.45 30.96 3.92
C ARG A 25 -14.65 29.83 4.90
N GLU A 26 -13.66 29.62 5.77
CA GLU A 26 -13.76 28.61 6.80
C GLU A 26 -14.66 29.11 7.94
N ARG A 27 -15.62 28.27 8.32
CA ARG A 27 -16.56 28.57 9.38
C ARG A 27 -16.64 27.39 10.34
N THR A 28 -17.17 27.63 11.53
CA THR A 28 -17.46 26.55 12.47
C THR A 28 -18.86 26.75 13.02
N ARG A 29 -19.58 25.66 13.22
CA ARG A 29 -20.91 25.74 13.80
C ARG A 29 -21.21 24.55 14.71
N GLU A 30 -22.06 24.81 15.70
CA GLU A 30 -22.58 23.79 16.58
C GLU A 30 -24.06 23.61 16.24
N VAL A 31 -24.47 22.37 15.99
CA VAL A 31 -25.84 22.09 15.58
C VAL A 31 -26.44 21.04 16.52
N GLU A 32 -27.62 21.34 17.06
CA GLU A 32 -28.34 20.41 17.93
C GLU A 32 -29.10 19.44 17.03
N TYR A 33 -28.36 18.54 16.41
CA TYR A 33 -28.88 17.66 15.38
C TYR A 33 -29.80 16.61 15.97
N LYS A 34 -31.01 16.52 15.44
CA LYS A 34 -31.97 15.52 15.87
C LYS A 34 -31.89 14.33 14.92
N PRO A 35 -31.30 13.21 15.38
CA PRO A 35 -31.16 12.08 14.49
C PRO A 35 -32.47 11.29 14.37
N SER A 36 -32.59 10.53 13.29
CA SER A 36 -33.70 9.59 13.13
C SER A 36 -33.16 8.17 13.07
N LEU A 37 -33.90 7.24 13.66
CA LEU A 37 -33.66 5.81 13.47
C LEU A 37 -35.01 5.19 13.12
N PHE A 38 -35.02 3.87 12.93
CA PHE A 38 -36.20 3.21 12.38
C PHE A 38 -36.51 1.91 13.09
N ALA A 39 -37.79 1.57 13.10
CA ALA A 39 -38.26 0.27 13.55
C ALA A 39 -39.19 -0.29 12.49
N HIS A 40 -39.23 -1.62 12.37
CA HIS A 40 -40.21 -2.24 11.49
C HIS A 40 -41.61 -1.87 11.98
N CYS A 41 -42.55 -1.77 11.05
CA CYS A 41 -43.94 -1.47 11.39
C CYS A 41 -44.88 -2.36 10.58
N PRO A 42 -46.18 -2.37 10.93
CA PRO A 42 -47.11 -3.23 10.17
C PRO A 42 -47.34 -2.76 8.72
N GLU A 43 -47.78 -3.68 7.88
CA GLU A 43 -48.19 -3.37 6.51
C GLU A 43 -49.26 -2.28 6.48
N SER A 44 -50.23 -2.38 7.39
CA SER A 44 -51.36 -1.45 7.46
C SER A 44 -50.94 0.03 7.53
N GLN A 45 -49.83 0.30 8.23
CA GLN A 45 -49.31 1.66 8.33
C GLN A 45 -48.65 2.10 7.01
N ALA A 46 -49.10 3.23 6.47
CA ALA A 46 -48.51 3.78 5.26
C ALA A 46 -47.15 4.40 5.57
N THR A 47 -46.14 4.04 4.80
CA THR A 47 -44.80 4.60 4.97
C THR A 47 -44.09 4.78 3.63
N LYS A 48 -43.09 5.66 3.64
CA LYS A 48 -42.21 5.84 2.49
C LYS A 48 -40.87 5.12 2.71
N TYR A 49 -40.64 4.65 3.95
CA TYR A 49 -39.36 4.03 4.31
C TYR A 49 -39.46 2.51 4.35
N PHE A 50 -38.56 1.83 3.64
CA PHE A 50 -38.49 0.37 3.66
C PHE A 50 -37.06 -0.07 3.90
N ASP A 51 -36.89 -1.19 4.61
CA ASP A 51 -35.58 -1.78 4.77
C ASP A 51 -35.12 -2.41 3.45
N ILE A 52 -33.89 -2.91 3.39
CA ILE A 52 -33.33 -3.36 2.11
C ILE A 52 -34.04 -4.60 1.54
N TYR A 53 -34.81 -5.26 2.39
CA TYR A 53 -35.58 -6.45 1.99
C TYR A 53 -37.03 -6.11 1.63
N GLY A 54 -37.37 -4.83 1.63
CA GLY A 54 -38.72 -4.38 1.24
C GLY A 54 -39.73 -4.35 2.38
N LYS A 55 -39.28 -4.54 3.62
CA LYS A 55 -40.18 -4.52 4.77
C LYS A 55 -40.36 -3.07 5.24
N PRO A 56 -41.62 -2.66 5.48
CA PRO A 56 -41.88 -1.26 5.84
C PRO A 56 -41.33 -0.89 7.22
N CYS A 57 -40.91 0.37 7.36
CA CYS A 57 -40.36 0.90 8.60
C CYS A 57 -41.04 2.21 8.97
N THR A 58 -41.10 2.49 10.27
CA THR A 58 -41.49 3.81 10.75
C THR A 58 -40.25 4.58 11.22
N ARG A 59 -40.21 5.86 10.91
CA ARG A 59 -39.11 6.72 11.31
C ARG A 59 -39.37 7.27 12.71
N LYS A 60 -38.35 7.18 13.56
CA LYS A 60 -38.37 7.73 14.91
C LYS A 60 -37.45 8.93 14.95
N LEU A 61 -38.01 10.11 15.20
CA LEU A 61 -37.23 11.35 15.30
C LEU A 61 -36.98 11.61 16.78
N PHE A 62 -35.71 11.70 17.16
CA PHE A 62 -35.34 11.86 18.57
C PHE A 62 -35.07 13.31 18.93
N ALA A 63 -35.33 13.66 20.19
CA ALA A 63 -35.11 15.02 20.67
C ALA A 63 -33.63 15.37 20.68
N ASN A 64 -32.79 14.35 20.82
CA ASN A 64 -31.34 14.54 20.79
C ASN A 64 -30.63 13.21 20.56
N MET A 65 -29.32 13.27 20.32
CA MET A 65 -28.55 12.09 19.98
C MET A 65 -28.43 11.09 21.12
N ARG A 66 -28.38 11.59 22.36
CA ARG A 66 -28.34 10.72 23.53
C ARG A 66 -29.63 9.90 23.66
N ASP A 67 -30.78 10.52 23.41
CA ASP A 67 -32.06 9.77 23.41
C ASP A 67 -32.05 8.65 22.38
N ALA A 68 -31.47 8.91 21.21
CA ALA A 68 -31.38 7.92 20.14
C ALA A 68 -30.48 6.75 20.55
N SER A 69 -29.32 7.05 21.11
CA SER A 69 -28.41 6.02 21.60
C SER A 69 -29.06 5.16 22.67
N GLN A 70 -29.80 5.81 23.58
CA GLN A 70 -30.49 5.08 24.64
C GLN A 70 -31.62 4.21 24.09
N TRP A 71 -32.27 4.68 23.02
CA TRP A 71 -33.31 3.89 22.38
C TRP A 71 -32.71 2.61 21.80
N ILE A 72 -31.55 2.72 21.17
CA ILE A 72 -30.87 1.54 20.62
C ILE A 72 -30.64 0.50 21.71
N LYS A 73 -30.18 0.94 22.88
CA LYS A 73 -29.92 0.04 24.00
C LYS A 73 -31.20 -0.65 24.51
N ARG A 74 -32.29 0.10 24.64
CA ARG A 74 -33.57 -0.47 25.05
C ARG A 74 -34.12 -1.47 24.03
N MET A 75 -33.90 -1.21 22.75
CA MET A 75 -34.31 -2.15 21.69
C MET A 75 -33.53 -3.46 21.80
N GLU A 76 -32.24 -3.37 22.14
CA GLU A 76 -31.43 -4.55 22.43
C GLU A 76 -32.00 -5.31 23.64
N ASP A 77 -32.40 -4.56 24.67
CA ASP A 77 -33.01 -5.16 25.86
C ASP A 77 -34.32 -5.88 25.54
N ILE A 78 -35.09 -5.33 24.60
CA ILE A 78 -36.35 -5.95 24.19
C ILE A 78 -36.11 -7.13 23.25
N GLY A 79 -35.10 -7.00 22.38
CA GLY A 79 -34.77 -8.02 21.40
C GLY A 79 -35.30 -7.72 20.02
N LEU A 80 -35.31 -6.44 19.65
CA LEU A 80 -35.80 -5.99 18.35
C LEU A 80 -34.74 -5.19 17.63
N GLU A 81 -34.72 -5.31 16.31
CA GLU A 81 -33.78 -4.58 15.47
C GLU A 81 -34.05 -3.08 15.54
N ALA A 82 -33.00 -2.32 15.82
CA ALA A 82 -33.03 -0.86 15.72
C ALA A 82 -32.29 -0.49 14.43
N LEU A 83 -33.03 -0.11 13.40
CA LEU A 83 -32.48 0.15 12.07
C LEU A 83 -32.02 1.60 11.88
N GLY A 84 -31.13 1.81 10.92
CA GLY A 84 -30.65 3.15 10.59
C GLY A 84 -29.19 3.41 10.92
N MET A 85 -28.71 4.56 10.51
CA MET A 85 -27.31 4.95 10.70
C MET A 85 -27.08 5.38 12.13
N ASP A 86 -26.43 4.51 12.89
CA ASP A 86 -26.16 4.73 14.31
C ASP A 86 -24.95 5.64 14.57
N ASP A 87 -24.13 5.87 13.55
CA ASP A 87 -23.06 6.87 13.65
C ASP A 87 -23.66 8.21 13.20
N PHE A 88 -24.15 8.99 14.18
CA PHE A 88 -25.00 10.12 13.86
C PHE A 88 -24.30 11.21 13.03
N LYS A 89 -22.99 11.37 13.17
CA LYS A 89 -22.32 12.38 12.35
C LYS A 89 -22.35 12.05 10.86
N LEU A 90 -22.35 10.77 10.49
CA LEU A 90 -22.50 10.38 9.10
C LEU A 90 -23.91 10.70 8.58
N ALA A 91 -24.91 10.54 9.44
CA ALA A 91 -26.28 10.94 9.08
C ALA A 91 -26.34 12.46 8.91
N TYR A 92 -25.69 13.18 9.82
CA TYR A 92 -25.61 14.64 9.72
C TYR A 92 -25.01 15.08 8.39
N LEU A 93 -23.88 14.49 8.01
CA LEU A 93 -23.25 14.81 6.72
C LEU A 93 -24.16 14.48 5.54
N SER A 94 -24.87 13.36 5.64
CA SER A 94 -25.77 12.95 4.56
C SER A 94 -26.92 13.94 4.38
N ASP A 95 -27.45 14.46 5.48
CA ASP A 95 -28.52 15.45 5.44
C ASP A 95 -28.03 16.83 5.00
N THR A 96 -26.84 17.20 5.45
CA THR A 96 -26.31 18.55 5.22
C THR A 96 -25.68 18.68 3.84
N TYR A 97 -25.14 17.59 3.32
CA TYR A 97 -24.49 17.55 2.00
C TYR A 97 -25.14 16.49 1.12
N ASN A 98 -26.41 16.73 0.80
CA ASN A 98 -27.18 15.79 0.00
C ASN A 98 -26.95 16.05 -1.49
N TYR A 99 -25.69 15.89 -1.90
CA TYR A 99 -25.28 16.06 -3.29
C TYR A 99 -23.84 15.57 -3.42
N GLU A 100 -23.38 15.35 -4.64
CA GLU A 100 -21.98 14.97 -4.87
C GLU A 100 -21.09 16.13 -4.47
N ILE A 101 -20.22 15.90 -3.49
CA ILE A 101 -19.38 16.99 -2.95
C ILE A 101 -18.27 17.34 -3.94
N LYS A 102 -18.22 18.61 -4.29
CA LYS A 102 -17.10 19.17 -5.03
C LYS A 102 -16.29 19.96 -4.01
N TYR A 103 -15.07 19.52 -3.74
CA TYR A 103 -14.23 20.20 -2.78
C TYR A 103 -13.10 20.94 -3.48
N ASP A 104 -12.59 21.97 -2.82
CA ASP A 104 -11.51 22.80 -3.31
C ASP A 104 -10.36 22.63 -2.32
N HIS A 105 -9.34 21.88 -2.73
CA HIS A 105 -8.23 21.55 -1.82
C HIS A 105 -7.45 22.79 -1.36
N THR A 106 -7.46 23.85 -2.17
CA THR A 106 -6.74 25.09 -1.84
C THR A 106 -7.33 25.81 -0.61
N LYS A 107 -8.55 25.46 -0.23
CA LYS A 107 -9.20 26.04 0.94
C LYS A 107 -9.06 25.15 2.19
N ILE A 108 -8.47 23.97 2.03
CA ILE A 108 -8.31 23.03 3.13
C ILE A 108 -6.92 23.20 3.73
N ARG A 109 -6.86 23.53 5.02
CA ARG A 109 -5.59 23.74 5.69
C ARG A 109 -4.94 22.40 6.03
N VAL A 110 -3.89 22.07 5.28
CA VAL A 110 -3.14 20.84 5.50
C VAL A 110 -1.84 21.22 6.20
N ALA A 111 -1.64 20.69 7.40
CA ALA A 111 -0.46 20.99 8.19
C ALA A 111 0.44 19.76 8.31
N ASN A 112 1.73 20.00 8.12
CA ASN A 112 2.77 19.00 8.18
C ASN A 112 3.76 19.48 9.25
N PHE A 113 3.94 18.73 10.32
CA PHE A 113 4.88 19.15 11.36
C PHE A 113 5.77 18.04 11.92
N ASP A 114 6.84 18.47 12.58
CA ASP A 114 7.82 17.58 13.18
C ASP A 114 8.43 18.30 14.36
N ILE A 115 8.65 17.59 15.46
CA ILE A 115 9.27 18.19 16.64
C ILE A 115 10.60 17.53 16.95
N GLU A 116 11.46 18.24 17.68
CA GLU A 116 12.68 17.68 18.22
C GLU A 116 12.64 17.77 19.73
N VAL A 117 13.19 16.75 20.38
CA VAL A 117 13.24 16.64 21.83
C VAL A 117 14.58 16.03 22.22
N THR A 118 15.47 16.82 22.81
CA THR A 118 16.74 16.31 23.29
C THR A 118 16.49 15.42 24.52
N SER A 119 17.03 14.21 24.49
CA SER A 119 16.82 13.25 25.57
C SER A 119 18.10 12.49 25.90
N PRO A 120 18.79 12.84 27.00
CA PRO A 120 20.04 12.17 27.36
C PRO A 120 19.87 10.72 27.86
N ASP A 121 18.71 10.41 28.43
CA ASP A 121 18.48 9.11 29.08
C ASP A 121 17.55 8.19 28.29
N GLY A 122 17.80 8.09 26.97
CA GLY A 122 17.05 7.18 26.12
C GLY A 122 15.95 7.85 25.32
N PHE A 123 15.03 7.03 24.81
CA PHE A 123 13.94 7.51 23.96
C PHE A 123 12.95 8.33 24.79
N PRO A 124 12.58 9.53 24.31
CA PRO A 124 11.67 10.39 25.07
C PRO A 124 10.21 9.94 24.95
N GLU A 125 9.71 9.25 25.97
CA GLU A 125 8.36 8.69 25.92
C GLU A 125 7.27 9.76 25.94
N PRO A 126 6.40 9.79 24.91
CA PRO A 126 5.33 10.79 24.82
C PRO A 126 4.38 10.79 26.00
N SER A 127 4.15 9.63 26.62
CA SER A 127 3.25 9.55 27.77
C SER A 127 3.78 10.30 29.00
N GLN A 128 5.11 10.39 29.12
CA GLN A 128 5.74 11.09 30.24
C GLN A 128 6.08 12.53 29.88
N ALA A 129 6.55 12.75 28.65
CA ALA A 129 6.94 14.08 28.16
C ALA A 129 7.80 14.84 29.17
N LYS A 130 8.86 14.19 29.64
CA LYS A 130 9.68 14.74 30.73
C LYS A 130 10.78 15.69 30.25
N HIS A 131 10.98 15.77 28.94
CA HIS A 131 12.04 16.63 28.37
C HIS A 131 11.48 17.81 27.56
N PRO A 132 12.22 18.93 27.52
CA PRO A 132 11.78 20.08 26.73
C PRO A 132 11.61 19.79 25.24
N ILE A 133 10.59 20.39 24.64
CA ILE A 133 10.47 20.43 23.19
C ILE A 133 11.36 21.58 22.75
N ASP A 134 12.42 21.29 22.01
CA ASP A 134 13.41 22.31 21.65
C ASP A 134 13.37 22.74 20.17
N ALA A 135 12.51 22.13 19.37
CA ALA A 135 12.23 22.63 18.02
C ALA A 135 10.89 22.10 17.51
N ILE A 136 10.16 22.97 16.81
CA ILE A 136 8.99 22.57 16.02
C ILE A 136 9.07 23.26 14.66
N THR A 137 8.97 22.47 13.60
CA THR A 137 8.73 23.01 12.27
C THR A 137 7.35 22.58 11.82
N HIS A 138 6.54 23.57 11.43
CA HIS A 138 5.14 23.38 11.09
C HIS A 138 4.90 24.04 9.74
N TYR A 139 4.67 23.23 8.71
CA TYR A 139 4.34 23.74 7.38
C TYR A 139 2.82 23.84 7.23
N ASP A 140 2.38 24.96 6.69
CA ASP A 140 0.96 25.26 6.48
C ASP A 140 0.75 25.40 4.98
N SER A 141 -0.17 24.59 4.43
CA SER A 141 -0.40 24.54 2.99
C SER A 141 -1.11 25.77 2.40
N ILE A 142 -1.85 26.50 3.23
CA ILE A 142 -2.55 27.70 2.76
C ILE A 142 -1.56 28.87 2.66
N ASP A 143 -0.74 29.05 3.67
CA ASP A 143 0.33 30.07 3.64
C ASP A 143 1.49 29.67 2.76
N ASP A 144 1.69 28.36 2.59
CA ASP A 144 2.86 27.81 1.91
C ASP A 144 4.14 28.31 2.58
N ARG A 145 4.15 28.24 3.91
CA ARG A 145 5.30 28.66 4.71
C ARG A 145 5.67 27.61 5.72
N PHE A 146 6.97 27.51 6.01
CA PHE A 146 7.50 26.68 7.09
C PHE A 146 7.71 27.56 8.30
N TYR A 147 6.92 27.33 9.35
CA TYR A 147 7.04 28.08 10.59
C TYR A 147 7.93 27.31 11.56
N VAL A 148 9.06 27.90 11.89
CA VAL A 148 10.09 27.24 12.69
C VAL A 148 10.16 27.87 14.07
N PHE A 149 9.88 27.06 15.10
CA PHE A 149 9.92 27.48 16.49
C PHE A 149 11.16 26.84 17.13
N ASP A 150 12.12 27.68 17.51
CA ASP A 150 13.46 27.22 17.91
C ASP A 150 13.74 27.63 19.36
N LEU A 151 13.99 26.65 20.24
CA LEU A 151 14.29 26.93 21.64
C LEU A 151 15.79 27.17 21.82
N LEU A 152 16.16 28.39 22.19
CA LEU A 152 17.58 28.75 22.33
C LEU A 152 18.14 28.42 23.71
N ASN A 153 17.28 28.43 24.73
CA ASN A 153 17.72 28.18 26.10
C ASN A 153 16.98 26.98 26.70
N SER A 154 17.75 26.00 27.14
CA SER A 154 17.22 24.75 27.68
C SER A 154 18.11 24.26 28.81
N PRO A 155 17.57 23.44 29.72
CA PRO A 155 18.45 22.78 30.71
C PRO A 155 19.55 21.91 30.08
N TYR A 156 19.37 21.49 28.82
CA TYR A 156 20.38 20.70 28.12
C TYR A 156 21.31 21.54 27.23
N GLY A 157 21.23 22.86 27.34
CA GLY A 157 22.19 23.74 26.69
C GLY A 157 21.59 25.03 26.17
N ASN A 158 22.35 26.10 26.24
CA ASN A 158 22.02 27.35 25.58
C ASN A 158 22.77 27.43 24.27
N VAL A 159 22.06 27.79 23.21
CA VAL A 159 22.63 27.81 21.87
C VAL A 159 22.35 29.15 21.17
N GLU A 160 23.04 29.37 20.06
CA GLU A 160 22.86 30.58 19.26
C GLU A 160 21.72 30.38 18.27
N GLU A 161 21.22 31.48 17.72
CA GLU A 161 20.18 31.41 16.69
C GLU A 161 20.64 30.60 15.49
N TRP A 162 19.68 29.95 14.85
CA TRP A 162 19.92 29.27 13.59
C TRP A 162 20.08 30.32 12.50
N SER A 163 21.00 30.06 11.57
CA SER A 163 21.29 30.98 10.47
C SER A 163 20.74 30.44 9.16
N ILE A 164 19.81 31.17 8.55
CA ILE A 164 19.28 30.77 7.25
C ILE A 164 20.33 30.88 6.15
N GLU A 165 21.31 31.76 6.34
CA GLU A 165 22.40 31.93 5.37
C GLU A 165 23.27 30.68 5.31
N ILE A 166 23.66 30.16 6.47
CA ILE A 166 24.44 28.92 6.54
C ILE A 166 23.59 27.72 6.12
N ALA A 167 22.31 27.74 6.49
CA ALA A 167 21.39 26.66 6.11
C ALA A 167 21.34 26.45 4.59
N ALA A 168 21.36 27.55 3.85
CA ALA A 168 21.22 27.53 2.39
C ALA A 168 22.49 27.09 1.67
N LYS A 169 23.65 27.34 2.28
CA LYS A 169 24.92 27.02 1.63
C LYS A 169 25.08 25.52 1.41
N LEU A 170 25.92 25.16 0.45
CA LEU A 170 26.24 23.76 0.17
C LEU A 170 26.92 23.13 1.38
N GLN A 171 26.83 21.81 1.49
CA GLN A 171 27.54 21.10 2.57
C GLN A 171 29.06 21.23 2.40
N GLU A 172 29.50 21.39 1.16
CA GLU A 172 30.91 21.65 0.87
C GLU A 172 31.37 23.06 1.27
N GLN A 173 30.42 23.94 1.60
CA GLN A 173 30.73 25.24 2.19
C GLN A 173 30.55 25.23 3.71
N GLY A 174 30.21 24.08 4.28
CA GLY A 174 29.89 23.98 5.70
C GLY A 174 28.43 24.27 6.00
N GLY A 175 27.61 24.33 4.96
CA GLY A 175 26.18 24.61 5.11
C GLY A 175 25.36 23.34 5.26
N ASP A 176 24.04 23.48 5.26
CA ASP A 176 23.13 22.37 5.51
C ASP A 176 22.37 21.91 4.27
N GLU A 177 22.49 22.66 3.16
CA GLU A 177 21.78 22.35 1.92
C GLU A 177 20.28 22.23 2.10
N VAL A 178 19.69 23.15 2.86
CA VAL A 178 18.25 23.29 2.85
C VAL A 178 17.92 23.72 1.43
N PRO A 179 17.05 22.96 0.72
CA PRO A 179 16.76 23.23 -0.69
C PRO A 179 16.39 24.68 -0.98
N SER A 180 17.00 25.24 -2.01
CA SER A 180 16.81 26.64 -2.37
C SER A 180 15.34 27.01 -2.58
N GLU A 181 14.53 26.07 -3.07
CA GLU A 181 13.12 26.35 -3.34
C GLU A 181 12.25 26.58 -2.09
N ILE A 182 12.76 26.26 -0.90
CA ILE A 182 12.01 26.54 0.34
C ILE A 182 12.62 27.62 1.22
N ILE A 183 13.84 28.06 0.90
CA ILE A 183 14.55 29.04 1.73
C ILE A 183 13.71 30.30 1.97
N ASP A 184 13.09 30.82 0.91
CA ASP A 184 12.27 32.03 1.04
C ASP A 184 10.92 31.79 1.71
N LYS A 185 10.60 30.53 2.02
CA LYS A 185 9.31 30.17 2.62
C LYS A 185 9.44 29.87 4.11
N ILE A 186 10.63 30.08 4.67
CA ILE A 186 10.86 29.80 6.09
C ILE A 186 10.59 31.06 6.92
N ILE A 187 9.78 30.90 7.96
CA ILE A 187 9.54 31.97 8.93
C ILE A 187 10.11 31.49 10.26
N TYR A 188 11.21 32.11 10.67
CA TYR A 188 12.01 31.62 11.79
C TYR A 188 11.76 32.42 13.07
N MET A 189 11.42 31.72 14.14
CA MET A 189 11.08 32.32 15.42
C MET A 189 11.87 31.68 16.57
N PRO A 190 12.89 32.40 17.09
CA PRO A 190 13.64 31.87 18.22
C PRO A 190 13.00 32.26 19.55
N PHE A 191 13.16 31.42 20.57
CA PHE A 191 12.58 31.66 21.90
C PHE A 191 13.63 31.45 22.98
N ASP A 192 13.61 32.28 24.01
CA ASP A 192 14.58 32.12 25.09
C ASP A 192 14.06 31.25 26.24
N ASN A 193 12.83 30.73 26.11
CA ASN A 193 12.32 29.73 27.03
C ASN A 193 11.16 28.93 26.43
N GLU A 194 11.00 27.71 26.92
CA GLU A 194 10.07 26.75 26.33
C GLU A 194 8.61 27.14 26.55
N LYS A 195 8.31 27.73 27.71
CA LYS A 195 6.93 28.17 27.98
C LYS A 195 6.44 29.15 26.93
N GLU A 196 7.26 30.15 26.57
CA GLU A 196 6.83 31.12 25.56
C GLU A 196 6.74 30.48 24.16
N LEU A 197 7.66 29.57 23.85
CA LEU A 197 7.60 28.82 22.60
C LEU A 197 6.26 28.10 22.46
N LEU A 198 5.88 27.36 23.49
CA LEU A 198 4.63 26.58 23.45
C LEU A 198 3.39 27.48 23.44
N MET A 199 3.40 28.55 24.23
CA MET A 199 2.29 29.49 24.24
C MET A 199 2.11 30.14 22.86
N GLU A 200 3.22 30.53 22.23
CA GLU A 200 3.17 31.09 20.89
C GLU A 200 2.72 30.06 19.86
N TYR A 201 3.16 28.82 20.01
CA TYR A 201 2.73 27.74 19.12
C TYR A 201 1.21 27.54 19.19
N LEU A 202 0.66 27.60 20.40
CA LEU A 202 -0.79 27.42 20.58
C LEU A 202 -1.59 28.59 20.00
N ASN A 203 -1.07 29.80 20.15
CA ASN A 203 -1.71 30.96 19.54
C ASN A 203 -1.67 30.89 18.01
N PHE A 204 -0.55 30.44 17.49
CA PHE A 204 -0.36 30.20 16.06
C PHE A 204 -1.36 29.13 15.58
N TRP A 205 -1.46 28.05 16.33
CA TRP A 205 -2.39 26.94 16.04
C TRP A 205 -3.84 27.40 16.03
N GLN A 206 -4.19 28.27 16.99
CA GLN A 206 -5.53 28.87 17.03
C GLN A 206 -5.84 29.68 15.77
N GLN A 207 -4.85 30.42 15.27
CA GLN A 207 -5.02 31.25 14.08
C GLN A 207 -5.00 30.43 12.80
N LYS A 208 -4.23 29.35 12.78
CA LYS A 208 -4.04 28.51 11.59
C LYS A 208 -4.29 27.06 11.96
N THR A 209 -5.54 26.75 12.28
CA THR A 209 -5.89 25.47 12.86
C THR A 209 -5.94 24.41 11.78
N PRO A 210 -5.08 23.38 11.90
CA PRO A 210 -5.07 22.36 10.85
C PRO A 210 -6.42 21.70 10.65
N VAL A 211 -6.75 21.35 9.42
CA VAL A 211 -7.88 20.47 9.14
C VAL A 211 -7.32 19.07 8.97
N ILE A 212 -6.38 18.93 8.03
CA ILE A 212 -5.61 17.70 7.87
C ILE A 212 -4.28 17.91 8.57
N LEU A 213 -3.95 16.99 9.48
CA LEU A 213 -2.68 17.05 10.21
C LEU A 213 -1.87 15.80 9.88
N THR A 214 -0.69 16.01 9.33
CA THR A 214 0.16 14.90 8.92
C THR A 214 1.62 15.18 9.30
N GLY A 215 2.50 14.29 8.86
CA GLY A 215 3.89 14.28 9.24
C GLY A 215 4.31 12.81 9.33
N TRP A 216 5.44 12.54 9.95
CA TRP A 216 5.96 11.18 10.03
C TRP A 216 6.00 10.71 11.48
N ASN A 217 5.19 9.70 11.80
CA ASN A 217 4.96 9.27 13.19
C ASN A 217 4.31 10.34 14.07
N VAL A 218 3.56 11.26 13.46
CA VAL A 218 2.89 12.31 14.25
C VAL A 218 1.84 11.77 15.21
N GLU A 219 1.12 10.71 14.82
CA GLU A 219 0.07 10.16 15.69
C GLU A 219 0.65 9.41 16.88
N SER A 220 1.78 8.75 16.69
CA SER A 220 2.39 7.94 17.75
C SER A 220 3.43 8.69 18.58
N PHE A 221 4.02 9.77 18.03
CA PHE A 221 5.02 10.52 18.78
C PHE A 221 4.71 12.02 18.92
N ALA A 222 4.75 12.77 17.82
CA ALA A 222 4.72 14.23 17.91
C ALA A 222 3.47 14.77 18.61
N ILE A 223 2.30 14.27 18.22
CA ILE A 223 1.04 14.76 18.79
C ILE A 223 0.91 14.42 20.30
N PRO A 224 1.12 13.15 20.67
CA PRO A 224 1.06 12.87 22.11
C PRO A 224 2.15 13.58 22.90
N TYR A 225 3.35 13.74 22.34
CA TYR A 225 4.41 14.44 23.06
C TYR A 225 4.05 15.91 23.30
N VAL A 226 3.58 16.59 22.25
CA VAL A 226 3.21 18.00 22.37
C VAL A 226 2.07 18.16 23.38
N TYR A 227 1.04 17.33 23.25
CA TYR A 227 -0.12 17.40 24.13
C TYR A 227 0.29 17.17 25.59
N ASN A 228 1.08 16.13 25.83
CA ASN A 228 1.49 15.77 27.19
C ASN A 228 2.48 16.73 27.82
N ARG A 229 3.36 17.31 26.99
CA ARG A 229 4.31 18.31 27.48
C ARG A 229 3.57 19.58 27.89
N ILE A 230 2.68 20.05 27.02
CA ILE A 230 1.85 21.22 27.33
C ILE A 230 1.01 20.96 28.58
N LYS A 231 0.44 19.76 28.67
CA LYS A 231 -0.34 19.35 29.84
C LYS A 231 0.50 19.39 31.13
N ASN A 232 1.71 18.88 31.06
CA ASN A 232 2.63 18.89 32.21
C ASN A 232 3.03 20.30 32.66
N ILE A 233 3.28 21.18 31.71
CA ILE A 233 3.71 22.55 32.03
C ILE A 233 2.55 23.46 32.43
N PHE A 234 1.43 23.35 31.72
CA PHE A 234 0.32 24.30 31.85
C PHE A 234 -0.97 23.75 32.43
N GLY A 235 -1.15 22.44 32.38
CA GLY A 235 -2.40 21.80 32.76
C GLY A 235 -3.22 21.39 31.55
N GLU A 236 -4.26 20.59 31.80
CA GLU A 236 -5.10 19.99 30.75
C GLU A 236 -5.79 20.98 29.82
N SER A 237 -6.40 22.03 30.37
CA SER A 237 -7.21 22.94 29.57
C SER A 237 -6.39 23.59 28.45
N THR A 238 -5.14 23.92 28.76
CA THR A 238 -4.27 24.53 27.77
C THR A 238 -3.89 23.53 26.67
N ALA A 239 -3.62 22.29 27.06
CA ALA A 239 -3.29 21.24 26.08
C ALA A 239 -4.44 20.96 25.14
N LYS A 240 -5.67 21.05 25.65
CA LYS A 240 -6.86 20.80 24.85
C LYS A 240 -7.11 21.89 23.79
N ARG A 241 -6.36 22.98 23.83
CA ARG A 241 -6.40 23.98 22.76
C ARG A 241 -5.88 23.46 21.41
N LEU A 242 -5.23 22.30 21.40
CA LEU A 242 -4.89 21.62 20.14
C LEU A 242 -6.14 21.15 19.38
N SER A 243 -7.25 21.05 20.10
CA SER A 243 -8.55 20.78 19.49
C SER A 243 -9.31 22.09 19.34
N PRO A 244 -9.87 22.35 18.14
CA PRO A 244 -10.67 23.57 17.98
C PRO A 244 -11.95 23.61 18.82
N HIS A 245 -12.42 22.44 19.27
CA HIS A 245 -13.59 22.35 20.15
C HIS A 245 -13.21 22.08 21.60
N ARG A 246 -11.91 22.15 21.89
CA ARG A 246 -11.37 21.96 23.25
C ARG A 246 -11.73 20.60 23.84
N LYS A 247 -11.80 19.58 22.99
CA LYS A 247 -12.10 18.23 23.45
C LYS A 247 -11.06 17.26 22.90
N THR A 248 -10.53 16.42 23.78
CA THR A 248 -9.60 15.38 23.40
C THR A 248 -9.94 14.10 24.14
N ARG A 249 -9.43 12.99 23.63
CA ARG A 249 -9.61 11.69 24.25
C ARG A 249 -8.30 10.93 24.14
N VAL A 250 -7.84 10.35 25.25
CA VAL A 250 -6.74 9.38 25.19
C VAL A 250 -7.32 8.08 24.63
N LYS A 251 -6.84 7.69 23.44
CA LYS A 251 -7.36 6.50 22.76
C LYS A 251 -6.35 5.37 22.82
N VAL A 252 -6.79 4.23 23.33
CA VAL A 252 -5.94 3.05 23.48
C VAL A 252 -6.00 2.19 22.22
N ILE A 253 -4.87 2.10 21.52
CA ILE A 253 -4.76 1.23 20.35
C ILE A 253 -4.11 -0.09 20.77
N GLU A 254 -4.73 -1.21 20.38
CA GLU A 254 -4.22 -2.54 20.69
C GLU A 254 -4.37 -3.48 19.49
N ASN A 255 -3.60 -4.58 19.50
CA ASN A 255 -3.64 -5.57 18.42
C ASN A 255 -3.85 -6.99 18.96
N MET A 256 -2.75 -7.68 19.28
CA MET A 256 -2.82 -9.00 19.92
C MET A 256 -1.85 -9.09 21.10
N TYR A 257 -0.69 -8.47 20.99
CA TYR A 257 0.24 -8.32 22.12
C TYR A 257 0.54 -6.84 22.37
N GLY A 258 0.15 -6.35 23.54
CA GLY A 258 0.44 -4.98 23.96
C GLY A 258 -0.51 -3.93 23.39
N SER A 259 -0.53 -2.76 24.02
CA SER A 259 -1.32 -1.63 23.57
C SER A 259 -0.54 -0.32 23.72
N ARG A 260 -1.02 0.74 23.07
CA ARG A 260 -0.38 2.05 23.11
C ARG A 260 -1.44 3.13 23.09
N GLU A 261 -1.08 4.34 23.54
CA GLU A 261 -2.02 5.47 23.59
C GLU A 261 -1.75 6.47 22.48
N ILE A 262 -2.83 6.99 21.90
CA ILE A 262 -2.75 8.15 21.02
C ILE A 262 -3.71 9.18 21.59
N ILE A 263 -3.63 10.41 21.08
CA ILE A 263 -4.53 11.47 21.53
C ILE A 263 -5.46 11.82 20.38
N THR A 264 -6.75 11.62 20.58
CA THR A 264 -7.73 12.04 19.60
C THR A 264 -8.02 13.53 19.81
N LEU A 265 -7.74 14.32 18.78
CA LEU A 265 -8.03 15.75 18.78
C LEU A 265 -9.34 15.97 18.03
N PHE A 266 -10.41 16.26 18.76
CA PHE A 266 -11.70 16.50 18.13
C PHE A 266 -11.61 17.73 17.22
N GLY A 267 -12.12 17.61 15.99
CA GLY A 267 -12.13 18.70 15.03
C GLY A 267 -10.87 18.80 14.20
N ILE A 268 -9.98 17.82 14.35
CA ILE A 268 -8.82 17.67 13.48
C ILE A 268 -8.91 16.28 12.83
N SER A 269 -8.41 16.16 11.61
CA SER A 269 -8.32 14.87 10.93
C SER A 269 -6.84 14.51 10.80
N VAL A 270 -6.36 13.61 11.65
CA VAL A 270 -4.95 13.22 11.62
C VAL A 270 -4.76 12.09 10.61
N LEU A 271 -3.92 12.34 9.61
CA LEU A 271 -3.49 11.33 8.65
C LEU A 271 -1.98 11.21 8.73
N ASP A 272 -1.51 10.37 9.64
CA ASP A 272 -0.08 10.19 9.83
C ASP A 272 0.49 9.60 8.54
N TYR A 273 1.51 10.23 7.97
CA TYR A 273 1.98 9.82 6.65
C TYR A 273 2.60 8.42 6.65
N ILE A 274 3.19 8.01 7.77
CA ILE A 274 3.70 6.65 7.86
C ILE A 274 2.56 5.63 7.66
N ASP A 275 1.37 5.94 8.17
CA ASP A 275 0.23 5.03 8.04
C ASP A 275 -0.39 5.13 6.64
N LEU A 276 -0.44 6.33 6.06
CA LEU A 276 -0.85 6.47 4.66
C LEU A 276 0.09 5.66 3.78
N TYR A 277 1.38 5.79 4.04
CA TYR A 277 2.38 5.09 3.24
C TYR A 277 2.22 3.58 3.35
N LYS A 278 2.05 3.07 4.57
CA LYS A 278 1.89 1.63 4.75
C LYS A 278 0.62 1.07 4.08
N LYS A 279 -0.47 1.83 4.11
CA LYS A 279 -1.72 1.35 3.54
C LYS A 279 -1.74 1.43 2.02
N PHE A 280 -1.16 2.49 1.46
CA PHE A 280 -1.40 2.85 0.05
C PHE A 280 -0.19 2.76 -0.88
N SER A 281 1.00 2.47 -0.36
CA SER A 281 2.21 2.45 -1.21
C SER A 281 2.51 1.11 -1.87
N PHE A 282 1.96 0.02 -1.34
CA PHE A 282 2.26 -1.35 -1.78
C PHE A 282 3.75 -1.64 -1.85
N THR A 283 4.39 -1.37 -0.71
CA THR A 283 5.76 -1.76 -0.45
C THR A 283 5.73 -2.51 0.87
N ASN A 284 6.77 -3.29 1.14
CA ASN A 284 7.06 -3.70 2.51
C ASN A 284 8.54 -3.41 2.71
N GLN A 285 8.83 -2.42 3.55
CA GLN A 285 10.18 -1.87 3.65
C GLN A 285 10.92 -2.49 4.83
N PRO A 286 12.25 -2.68 4.71
CA PRO A 286 13.05 -3.14 5.85
C PRO A 286 13.06 -2.16 7.01
N SER A 287 12.88 -0.87 6.72
CA SER A 287 12.83 0.16 7.73
C SER A 287 11.80 1.23 7.34
N TYR A 288 11.20 1.86 8.34
CA TYR A 288 10.26 2.95 8.10
C TYR A 288 10.71 4.25 8.75
N SER A 289 12.01 4.40 8.94
CA SER A 289 12.60 5.69 9.30
C SER A 289 12.38 6.62 8.11
N LEU A 290 12.18 7.90 8.39
CA LEU A 290 11.95 8.86 7.32
C LEU A 290 13.15 8.94 6.37
N ASP A 291 14.37 8.82 6.91
CA ASP A 291 15.57 8.83 6.08
C ASP A 291 15.59 7.68 5.08
N TYR A 292 15.19 6.50 5.54
CA TYR A 292 15.16 5.31 4.69
C TYR A 292 14.11 5.45 3.60
N ILE A 293 12.92 5.87 3.98
CA ILE A 293 11.83 6.01 3.02
C ILE A 293 12.10 7.16 2.04
N SER A 294 12.66 8.26 2.53
CA SER A 294 13.04 9.38 1.66
C SER A 294 14.07 8.96 0.61
N GLU A 295 15.05 8.17 1.03
CA GLU A 295 16.08 7.68 0.11
C GLU A 295 15.43 6.79 -0.96
N PHE A 296 14.55 5.89 -0.51
CA PHE A 296 13.86 4.99 -1.41
C PHE A 296 12.97 5.73 -2.42
N GLU A 297 12.17 6.67 -1.93
CA GLU A 297 11.18 7.37 -2.77
C GLU A 297 11.77 8.47 -3.63
N LEU A 298 12.74 9.20 -3.07
CA LEU A 298 13.20 10.45 -3.68
C LEU A 298 14.65 10.40 -4.18
N ASN A 299 15.40 9.36 -3.79
CA ASN A 299 16.82 9.27 -4.11
C ASN A 299 17.67 10.39 -3.50
N VAL A 300 17.23 10.89 -2.35
CA VAL A 300 17.99 11.92 -1.62
C VAL A 300 18.90 11.25 -0.62
N GLY A 301 20.06 11.85 -0.38
CA GLY A 301 21.05 11.29 0.54
C GLY A 301 20.61 11.40 1.99
N LYS A 302 21.06 10.47 2.81
CA LYS A 302 20.74 10.47 4.24
C LYS A 302 21.29 11.73 4.91
N LEU A 303 20.51 12.29 5.84
CA LEU A 303 20.90 13.50 6.55
C LEU A 303 22.03 13.19 7.54
N LYS A 304 23.27 13.43 7.11
CA LYS A 304 24.45 13.03 7.88
C LYS A 304 24.77 14.01 9.01
N TYR A 305 25.10 13.45 10.18
CA TYR A 305 25.60 14.24 11.30
C TYR A 305 26.48 13.36 12.20
N ASP A 306 27.45 14.00 12.86
CA ASP A 306 28.36 13.29 13.76
C ASP A 306 27.75 13.17 15.16
N GLY A 307 28.02 12.04 15.81
CA GLY A 307 27.56 11.81 17.18
C GLY A 307 26.08 11.44 17.27
N PRO A 308 25.63 11.09 18.49
CA PRO A 308 24.24 10.70 18.68
C PRO A 308 23.30 11.92 18.63
N ILE A 309 22.03 11.66 18.32
CA ILE A 309 21.04 12.72 18.17
C ILE A 309 20.80 13.44 19.50
N SER A 310 21.04 12.76 20.62
CA SER A 310 20.93 13.36 21.95
C SER A 310 21.99 14.43 22.23
N LYS A 311 23.04 14.49 21.41
CA LYS A 311 24.08 15.51 21.56
C LYS A 311 24.18 16.46 20.37
N LEU A 312 23.26 16.33 19.41
CA LEU A 312 23.32 17.13 18.18
C LEU A 312 22.99 18.60 18.43
N ARG A 313 21.99 18.87 19.26
CA ARG A 313 21.62 20.25 19.53
C ARG A 313 22.76 21.03 20.17
N GLU A 314 23.40 20.45 21.18
CA GLU A 314 24.49 21.13 21.88
C GLU A 314 25.75 21.25 21.02
N SER A 315 26.03 20.24 20.20
CA SER A 315 27.24 20.24 19.37
C SER A 315 27.07 20.99 18.05
N ASN A 316 25.88 20.92 17.45
CA ASN A 316 25.64 21.55 16.16
C ASN A 316 24.16 21.92 15.99
N HIS A 317 23.72 22.91 16.76
CA HIS A 317 22.34 23.40 16.73
C HIS A 317 21.92 23.88 15.33
N GLN A 318 22.87 24.47 14.60
CA GLN A 318 22.65 24.89 13.22
C GLN A 318 22.11 23.73 12.37
N ARG A 319 22.83 22.61 12.37
CA ARG A 319 22.41 21.41 11.64
C ARG A 319 21.14 20.79 12.21
N TYR A 320 21.03 20.81 13.54
CA TYR A 320 19.85 20.31 14.25
C TYR A 320 18.56 20.91 13.72
N ILE A 321 18.52 22.24 13.62
CA ILE A 321 17.33 22.94 13.16
C ILE A 321 17.14 22.73 11.65
N SER A 322 18.23 22.81 10.88
CA SER A 322 18.12 22.58 9.43
C SER A 322 17.55 21.20 9.12
N TYR A 323 17.94 20.20 9.91
CA TYR A 323 17.47 18.84 9.68
C TYR A 323 16.01 18.65 10.08
N ASN A 324 15.57 19.35 11.13
CA ASN A 324 14.14 19.42 11.48
C ASN A 324 13.31 20.00 10.33
N ILE A 325 13.79 21.06 9.70
CA ILE A 325 13.10 21.68 8.56
C ILE A 325 13.08 20.73 7.37
N ILE A 326 14.24 20.15 7.04
CA ILE A 326 14.33 19.25 5.89
C ILE A 326 13.40 18.04 6.07
N ALA A 327 13.31 17.51 7.29
CA ALA A 327 12.41 16.38 7.59
C ALA A 327 10.96 16.69 7.23
N VAL A 328 10.50 17.90 7.56
CA VAL A 328 9.14 18.30 7.22
C VAL A 328 8.99 18.36 5.70
N TYR A 329 9.98 18.94 5.02
CA TYR A 329 9.93 19.06 3.57
C TYR A 329 9.93 17.69 2.88
N ARG A 330 10.68 16.73 3.42
CA ARG A 330 10.76 15.42 2.79
CA ARG A 330 10.77 15.38 2.85
C ARG A 330 9.39 14.74 2.74
N VAL A 331 8.57 14.92 3.76
CA VAL A 331 7.22 14.35 3.73
C VAL A 331 6.38 15.04 2.65
N LEU A 332 6.53 16.35 2.51
CA LEU A 332 5.86 17.08 1.41
C LEU A 332 6.34 16.59 0.04
N GLN A 333 7.62 16.28 -0.08
CA GLN A 333 8.17 15.76 -1.34
C GLN A 333 7.64 14.36 -1.63
N ILE A 334 7.52 13.52 -0.61
CA ILE A 334 6.96 12.18 -0.79
C ILE A 334 5.50 12.31 -1.23
N ASP A 335 4.75 13.23 -0.64
CA ASP A 335 3.35 13.40 -1.02
C ASP A 335 3.16 14.00 -2.42
N ALA A 336 4.07 14.89 -2.82
CA ALA A 336 4.04 15.43 -4.20
C ALA A 336 4.14 14.30 -5.21
N LYS A 337 4.95 13.30 -4.88
CA LYS A 337 5.12 12.12 -5.71
C LYS A 337 3.94 11.13 -5.60
N ARG A 338 3.68 10.66 -4.38
CA ARG A 338 2.70 9.59 -4.15
C ARG A 338 1.24 10.05 -4.13
N GLN A 339 1.00 11.27 -3.64
CA GLN A 339 -0.32 11.90 -3.66
C GLN A 339 -1.36 11.17 -2.81
N PHE A 340 -0.94 10.70 -1.65
CA PHE A 340 -1.85 10.01 -0.73
C PHE A 340 -2.81 10.95 -0.02
N ILE A 341 -2.43 12.22 0.16
CA ILE A 341 -3.36 13.18 0.76
C ILE A 341 -4.51 13.41 -0.23
N ASN A 342 -4.18 13.65 -1.49
CA ASN A 342 -5.18 13.79 -2.55
C ASN A 342 -6.14 12.61 -2.60
N LEU A 343 -5.58 11.40 -2.56
CA LEU A 343 -6.37 10.17 -2.51
C LEU A 343 -7.36 10.15 -1.34
N SER A 344 -6.85 10.48 -0.15
CA SER A 344 -7.65 10.49 1.08
C SER A 344 -8.81 11.48 1.00
N LEU A 345 -8.53 12.68 0.49
CA LEU A 345 -9.58 13.69 0.30
C LEU A 345 -10.63 13.20 -0.71
N ASP A 346 -10.16 12.71 -1.86
CA ASP A 346 -11.04 12.16 -2.90
C ASP A 346 -12.00 11.12 -2.32
N MET A 347 -11.45 10.11 -1.65
CA MET A 347 -12.28 9.01 -1.16
C MET A 347 -13.13 9.41 0.03
N GLY A 348 -12.58 10.26 0.89
CA GLY A 348 -13.33 10.74 2.06
C GLY A 348 -14.55 11.55 1.68
N TYR A 349 -14.40 12.48 0.75
CA TYR A 349 -15.51 13.30 0.30
C TYR A 349 -16.52 12.50 -0.54
N TYR A 350 -16.04 11.51 -1.29
CA TYR A 350 -16.91 10.62 -2.04
C TYR A 350 -17.85 9.84 -1.13
N ALA A 351 -17.30 9.28 -0.04
CA ALA A 351 -18.07 8.45 0.89
C ALA A 351 -18.90 9.27 1.89
N LYS A 352 -18.50 10.53 2.09
CA LYS A 352 -19.07 11.43 3.10
C LYS A 352 -18.75 10.93 4.51
N ILE A 353 -17.45 10.83 4.77
CA ILE A 353 -16.93 10.38 6.05
C ILE A 353 -15.92 11.38 6.57
N GLN A 354 -15.59 11.28 7.86
CA GLN A 354 -14.43 11.96 8.39
C GLN A 354 -13.25 11.51 7.53
N ILE A 355 -12.38 12.43 7.13
CA ILE A 355 -11.31 12.09 6.19
C ILE A 355 -10.41 10.97 6.78
N GLN A 356 -10.17 11.00 8.09
CA GLN A 356 -9.34 9.96 8.72
C GLN A 356 -9.93 8.55 8.62
N SER A 357 -11.21 8.43 8.31
CA SER A 357 -11.83 7.12 8.14
C SER A 357 -11.43 6.41 6.83
N VAL A 358 -10.62 7.06 5.99
CA VAL A 358 -10.13 6.37 4.79
C VAL A 358 -9.26 5.17 5.14
N PHE A 359 -8.68 5.14 6.35
CA PHE A 359 -7.95 3.96 6.81
C PHE A 359 -8.85 2.72 6.99
N SER A 360 -10.16 2.92 7.09
CA SER A 360 -11.12 1.83 7.31
C SER A 360 -12.03 1.66 6.11
N PRO A 361 -11.78 0.62 5.28
CA PRO A 361 -12.71 0.38 4.18
C PRO A 361 -14.11 -0.03 4.64
N ILE A 362 -14.21 -0.63 5.83
CA ILE A 362 -15.52 -0.97 6.38
C ILE A 362 -16.34 0.30 6.64
N LYS A 363 -15.72 1.30 7.27
CA LYS A 363 -16.40 2.57 7.51
C LYS A 363 -16.70 3.29 6.18
N THR A 364 -15.75 3.25 5.26
CA THR A 364 -15.90 3.90 3.97
C THR A 364 -17.10 3.33 3.20
N TRP A 365 -17.15 2.01 3.10
CA TRP A 365 -18.26 1.35 2.40
C TRP A 365 -19.59 1.47 3.15
N ASP A 366 -19.54 1.45 4.48
CA ASP A 366 -20.78 1.62 5.26
C ASP A 366 -21.43 2.95 4.88
N ALA A 367 -20.62 4.00 4.80
CA ALA A 367 -21.11 5.33 4.45
C ALA A 367 -21.58 5.43 3.01
N ILE A 368 -20.82 4.84 2.09
CA ILE A 368 -21.20 4.88 0.67
C ILE A 368 -22.55 4.19 0.46
N ILE A 369 -22.71 3.01 1.06
CA ILE A 369 -23.93 2.22 0.90
C ILE A 369 -25.12 2.90 1.59
N PHE A 370 -24.88 3.43 2.79
CA PHE A 370 -25.90 4.19 3.51
C PHE A 370 -26.42 5.37 2.67
N ASN A 371 -25.52 6.18 2.15
CA ASN A 371 -25.91 7.33 1.34
C ASN A 371 -26.68 6.90 0.09
N SER A 372 -26.24 5.82 -0.55
CA SER A 372 -26.92 5.28 -1.74
C SER A 372 -28.36 4.83 -1.43
N LEU A 373 -28.53 4.09 -0.34
CA LEU A 373 -29.84 3.57 0.06
C LEU A 373 -30.77 4.69 0.53
N LYS A 374 -30.22 5.64 1.27
CA LYS A 374 -30.99 6.79 1.77
C LYS A 374 -31.62 7.60 0.63
N GLU A 375 -30.92 7.70 -0.49
CA GLU A 375 -31.48 8.37 -1.69
C GLU A 375 -32.77 7.75 -2.19
N GLN A 376 -32.97 6.47 -1.90
CA GLN A 376 -34.16 5.74 -2.31
C GLN A 376 -35.14 5.54 -1.14
N ASN A 377 -34.94 6.31 -0.06
CA ASN A 377 -35.71 6.16 1.18
C ASN A 377 -35.66 4.76 1.78
N LYS A 378 -34.57 4.05 1.53
CA LYS A 378 -34.37 2.74 2.13
C LYS A 378 -33.58 2.86 3.43
N VAL A 379 -33.74 1.86 4.29
CA VAL A 379 -33.26 1.90 5.66
C VAL A 379 -32.24 0.80 5.88
N ILE A 380 -31.06 1.16 6.36
CA ILE A 380 -29.98 0.19 6.54
C ILE A 380 -30.26 -0.70 7.76
N PRO A 381 -29.83 -1.98 7.70
CA PRO A 381 -30.01 -2.89 8.83
C PRO A 381 -29.11 -2.54 10.00
N GLN A 382 -29.47 -3.02 11.19
CA GLN A 382 -28.61 -2.88 12.35
C GLN A 382 -27.39 -3.78 12.22
N GLY A 383 -26.25 -3.31 12.68
CA GLY A 383 -25.06 -4.15 12.79
C GLY A 383 -25.24 -5.16 13.91
N ARG A 384 -24.71 -6.37 13.69
CA ARG A 384 -24.87 -7.49 14.63
C ARG A 384 -23.51 -8.12 14.94
N SER A 385 -23.44 -8.78 16.09
CA SER A 385 -22.23 -9.50 16.47
C SER A 385 -22.16 -10.84 15.75
N HIS A 386 -20.97 -11.20 15.28
CA HIS A 386 -20.75 -12.51 14.66
C HIS A 386 -19.44 -13.10 15.17
N PRO A 387 -19.40 -14.42 15.39
CA PRO A 387 -18.13 -15.05 15.72
C PRO A 387 -17.24 -15.15 14.48
N VAL A 388 -15.95 -14.98 14.65
CA VAL A 388 -15.02 -15.10 13.54
C VAL A 388 -14.96 -16.57 13.10
N GLN A 389 -15.13 -16.78 11.80
CA GLN A 389 -15.16 -18.12 11.19
C GLN A 389 -14.36 -18.13 9.90
N PRO A 390 -13.58 -19.19 9.66
CA PRO A 390 -12.86 -19.27 8.38
C PRO A 390 -13.77 -19.57 7.20
N TYR A 391 -13.34 -19.19 6.01
CA TYR A 391 -14.06 -19.52 4.78
C TYR A 391 -13.05 -19.66 3.62
N PRO A 392 -13.42 -20.39 2.56
CA PRO A 392 -12.47 -20.70 1.49
C PRO A 392 -12.21 -19.56 0.52
N GLY A 393 -11.01 -19.56 -0.04
CA GLY A 393 -10.55 -18.50 -0.94
C GLY A 393 -10.27 -18.99 -2.34
N ALA A 394 -9.13 -18.56 -2.89
CA ALA A 394 -8.77 -18.81 -4.27
C ALA A 394 -8.24 -20.22 -4.50
N PHE A 395 -8.25 -20.61 -5.76
CA PHE A 395 -7.57 -21.83 -6.21
C PHE A 395 -6.20 -21.43 -6.75
N VAL A 396 -5.20 -22.23 -6.43
CA VAL A 396 -3.85 -22.06 -6.99
C VAL A 396 -3.40 -23.40 -7.56
N LYS A 397 -3.09 -23.41 -8.86
CA LYS A 397 -2.63 -24.62 -9.53
C LYS A 397 -1.20 -24.95 -9.11
N GLU A 398 -0.92 -26.23 -8.89
CA GLU A 398 0.44 -26.69 -8.62
C GLU A 398 1.20 -26.79 -9.95
N PRO A 399 2.21 -25.91 -10.16
CA PRO A 399 2.94 -25.98 -11.41
C PRO A 399 3.99 -27.10 -11.39
N ILE A 400 4.29 -27.64 -12.57
CA ILE A 400 5.43 -28.55 -12.69
C ILE A 400 6.68 -27.67 -12.68
N PRO A 401 7.57 -27.84 -11.67
CA PRO A 401 8.76 -26.99 -11.68
C PRO A 401 9.60 -27.23 -12.92
N ASN A 402 9.94 -26.16 -13.62
CA ASN A 402 10.65 -26.27 -14.88
C ASN A 402 11.02 -24.90 -15.41
N ARG A 403 11.88 -24.89 -16.41
CA ARG A 403 12.02 -23.73 -17.27
C ARG A 403 10.81 -23.71 -18.20
N TYR A 404 10.39 -22.50 -18.57
CA TYR A 404 9.32 -22.32 -19.54
C TYR A 404 9.78 -21.21 -20.49
N LYS A 405 9.98 -21.56 -21.75
CA LYS A 405 10.66 -20.68 -22.70
C LYS A 405 9.79 -19.51 -23.16
N TYR A 406 8.66 -19.82 -23.79
CA TYR A 406 7.72 -18.81 -24.26
C TYR A 406 6.43 -18.90 -23.46
N VAL A 407 6.03 -17.77 -22.88
CA VAL A 407 4.85 -17.73 -22.02
C VAL A 407 4.02 -16.50 -22.32
N MET A 408 2.71 -16.70 -22.40
CA MET A 408 1.75 -15.61 -22.45
C MET A 408 0.76 -15.78 -21.32
N SER A 409 0.43 -14.66 -20.66
CA SER A 409 -0.52 -14.70 -19.57
C SER A 409 -1.78 -13.93 -19.93
N PHE A 410 -2.87 -14.31 -19.27
CA PHE A 410 -4.16 -13.67 -19.44
C PHE A 410 -4.77 -13.47 -18.06
N ASP A 411 -5.48 -12.36 -17.87
CA ASP A 411 -5.94 -11.93 -16.55
C ASP A 411 -7.29 -11.23 -16.61
N LEU A 412 -8.19 -11.56 -15.69
CA LEU A 412 -9.50 -10.89 -15.62
C LEU A 412 -9.39 -9.48 -15.02
N THR A 413 -10.09 -8.53 -15.64
CA THR A 413 -10.20 -7.18 -15.10
C THR A 413 -10.99 -7.22 -13.79
N SER A 414 -10.41 -6.63 -12.74
CA SER A 414 -11.06 -6.53 -11.41
C SER A 414 -11.94 -7.75 -11.12
N LYS A 415 -11.30 -8.90 -10.93
CA LYS A 415 -12.01 -10.18 -10.91
C LYS A 415 -13.14 -10.25 -9.89
N TYR A 416 -12.85 -10.07 -8.61
CA TYR A 416 -13.88 -10.27 -7.59
C TYR A 416 -14.99 -9.22 -7.69
N PRO A 417 -14.64 -7.92 -7.88
CA PRO A 417 -15.71 -6.96 -8.14
C PRO A 417 -16.55 -7.29 -9.37
N SER A 418 -15.92 -7.80 -10.42
CA SER A 418 -16.65 -8.20 -11.63
C SER A 418 -17.58 -9.38 -11.35
N ILE A 419 -17.15 -10.30 -10.49
CA ILE A 419 -17.99 -11.43 -10.07
C ILE A 419 -19.21 -10.93 -9.30
N ILE A 420 -18.99 -9.99 -8.39
CA ILE A 420 -20.09 -9.37 -7.63
C ILE A 420 -21.13 -8.78 -8.58
N ARG A 421 -20.66 -8.07 -9.59
CA ARG A 421 -21.55 -7.42 -10.55
C ARG A 421 -22.25 -8.43 -11.46
N GLN A 422 -21.49 -9.40 -11.96
CA GLN A 422 -22.00 -10.38 -12.91
C GLN A 422 -23.08 -11.26 -12.27
N VAL A 423 -22.79 -11.73 -11.05
CA VAL A 423 -23.67 -12.64 -10.35
C VAL A 423 -24.79 -11.88 -9.63
N ASN A 424 -24.54 -10.59 -9.36
CA ASN A 424 -25.44 -9.69 -8.64
C ASN A 424 -25.49 -9.99 -7.15
N ILE A 425 -24.30 -10.08 -6.56
CA ILE A 425 -24.14 -10.48 -5.16
C ILE A 425 -24.25 -9.28 -4.22
N SER A 426 -25.26 -9.33 -3.35
CA SER A 426 -25.58 -8.22 -2.45
C SER A 426 -26.39 -8.78 -1.27
N PRO A 427 -26.40 -8.09 -0.13
CA PRO A 427 -27.24 -8.58 0.98
C PRO A 427 -28.71 -8.76 0.61
N GLU A 428 -29.25 -7.83 -0.17
CA GLU A 428 -30.68 -7.82 -0.46
C GLU A 428 -31.09 -8.55 -1.75
N THR A 429 -30.12 -9.14 -2.45
CA THR A 429 -30.43 -9.86 -3.69
C THR A 429 -30.42 -11.38 -3.52
N ILE A 430 -30.20 -11.87 -2.29
CA ILE A 430 -30.17 -13.30 -2.05
C ILE A 430 -31.57 -13.86 -2.33
N ALA A 431 -31.64 -14.84 -3.23
CA ALA A 431 -32.93 -15.41 -3.67
C ALA A 431 -33.20 -16.80 -3.08
N GLY A 432 -32.16 -17.46 -2.60
CA GLY A 432 -32.28 -18.81 -2.04
C GLY A 432 -31.05 -19.62 -2.36
N THR A 433 -31.19 -20.94 -2.29
CA THR A 433 -30.07 -21.85 -2.53
C THR A 433 -30.47 -22.96 -3.48
N PHE A 434 -29.46 -23.62 -4.05
CA PHE A 434 -29.67 -24.84 -4.83
C PHE A 434 -28.73 -25.93 -4.36
N LYS A 435 -29.04 -27.17 -4.73
CA LYS A 435 -28.27 -28.32 -4.32
C LYS A 435 -26.95 -28.40 -5.09
N VAL A 436 -25.84 -28.27 -4.35
CA VAL A 436 -24.52 -28.16 -4.97
C VAL A 436 -23.94 -29.51 -5.35
N ALA A 437 -23.33 -29.56 -6.54
CA ALA A 437 -22.51 -30.69 -6.96
C ALA A 437 -21.06 -30.36 -6.63
N PRO A 438 -20.17 -31.37 -6.64
CA PRO A 438 -18.75 -31.03 -6.48
C PRO A 438 -18.30 -30.00 -7.51
N LEU A 439 -17.38 -29.12 -7.13
CA LEU A 439 -16.93 -28.04 -8.01
C LEU A 439 -16.43 -28.55 -9.36
N HIS A 440 -15.73 -29.68 -9.33
CA HIS A 440 -15.24 -30.36 -10.52
C HIS A 440 -16.35 -30.56 -11.57
N ASP A 441 -17.56 -30.86 -11.12
CA ASP A 441 -18.69 -31.09 -12.03
C ASP A 441 -19.14 -29.80 -12.74
N TYR A 442 -19.04 -28.66 -12.06
CA TYR A 442 -19.34 -27.37 -12.70
C TYR A 442 -18.20 -26.97 -13.64
N ILE A 443 -16.96 -27.16 -13.20
CA ILE A 443 -15.79 -26.83 -14.02
C ILE A 443 -15.81 -27.55 -15.36
N ASN A 444 -16.27 -28.80 -15.35
CA ASN A 444 -16.35 -29.62 -16.56
C ASN A 444 -17.74 -29.65 -17.22
N ALA A 445 -18.63 -28.78 -16.75
CA ALA A 445 -19.95 -28.59 -17.36
C ALA A 445 -20.80 -29.88 -17.41
N VAL A 446 -20.68 -30.72 -16.37
CA VAL A 446 -21.49 -31.94 -16.27
C VAL A 446 -22.56 -31.87 -15.19
N ALA A 447 -22.44 -30.92 -14.25
CA ALA A 447 -23.47 -30.72 -13.25
C ALA A 447 -24.72 -30.15 -13.90
N GLU A 448 -25.89 -30.45 -13.34
CA GLU A 448 -27.14 -29.90 -13.83
C GLU A 448 -27.12 -28.38 -13.65
N ARG A 449 -27.80 -27.67 -14.54
CA ARG A 449 -27.89 -26.22 -14.47
C ARG A 449 -28.52 -25.81 -13.13
N PRO A 450 -27.83 -24.96 -12.35
CA PRO A 450 -28.33 -24.58 -11.02
C PRO A 450 -29.72 -23.99 -10.98
N SER A 451 -30.03 -23.06 -11.90
CA SER A 451 -31.31 -22.36 -11.89
C SER A 451 -31.68 -21.85 -13.28
N ASP A 452 -32.98 -21.86 -13.57
CA ASP A 452 -33.52 -21.23 -14.77
C ASP A 452 -34.22 -19.92 -14.44
N VAL A 453 -34.07 -19.44 -13.21
CA VAL A 453 -34.70 -18.19 -12.77
C VAL A 453 -33.70 -17.20 -12.19
N TYR A 454 -32.78 -17.68 -11.36
CA TYR A 454 -31.87 -16.82 -10.60
C TYR A 454 -30.42 -16.96 -11.04
N SER A 455 -29.61 -15.98 -10.65
CA SER A 455 -28.19 -15.93 -11.00
C SER A 455 -27.40 -16.65 -9.93
N CYS A 456 -26.51 -17.56 -10.34
CA CYS A 456 -25.93 -18.50 -9.40
C CYS A 456 -24.42 -18.48 -9.26
N SER A 457 -23.97 -18.87 -8.08
CA SER A 457 -22.58 -19.20 -7.82
C SER A 457 -22.49 -20.67 -7.40
N PRO A 458 -21.39 -21.36 -7.78
CA PRO A 458 -21.27 -22.79 -7.47
C PRO A 458 -21.09 -23.15 -5.99
N ASN A 459 -21.20 -22.17 -5.09
CA ASN A 459 -21.31 -22.47 -3.66
C ASN A 459 -22.74 -22.77 -3.22
N GLY A 460 -23.71 -22.69 -4.14
CA GLY A 460 -25.11 -22.99 -3.84
C GLY A 460 -26.04 -21.79 -3.73
N MET A 461 -25.50 -20.58 -3.87
CA MET A 461 -26.28 -19.36 -3.69
C MET A 461 -26.92 -18.90 -4.99
N MET A 462 -28.15 -18.39 -4.86
CA MET A 462 -28.92 -17.83 -5.97
C MET A 462 -29.26 -16.38 -5.67
N TYR A 463 -29.27 -15.56 -6.72
CA TYR A 463 -29.48 -14.12 -6.59
C TYR A 463 -30.53 -13.62 -7.59
N TYR A 464 -31.28 -12.60 -7.19
CA TYR A 464 -32.27 -11.97 -8.07
C TYR A 464 -31.62 -11.38 -9.31
N LYS A 465 -32.37 -11.39 -10.41
CA LYS A 465 -31.91 -10.85 -11.68
C LYS A 465 -32.70 -9.63 -12.17
N ASP A 466 -33.72 -9.21 -11.42
CA ASP A 466 -34.61 -8.13 -11.89
C ASP A 466 -34.01 -6.75 -11.72
N ARG A 467 -33.14 -6.59 -10.73
CA ARG A 467 -32.52 -5.29 -10.46
C ARG A 467 -31.18 -5.48 -9.76
N ASP A 468 -30.26 -4.55 -9.99
CA ASP A 468 -28.95 -4.59 -9.36
C ASP A 468 -29.07 -4.38 -7.86
N GLY A 469 -28.27 -5.13 -7.10
CA GLY A 469 -28.14 -4.88 -5.67
C GLY A 469 -27.32 -3.63 -5.41
N VAL A 470 -27.40 -3.11 -4.20
CA VAL A 470 -26.67 -1.90 -3.83
C VAL A 470 -25.16 -2.13 -3.88
N VAL A 471 -24.70 -3.33 -3.53
CA VAL A 471 -23.26 -3.61 -3.56
C VAL A 471 -22.74 -3.58 -5.00
N PRO A 472 -23.37 -4.30 -5.93
CA PRO A 472 -23.04 -4.17 -7.34
C PRO A 472 -23.10 -2.73 -7.88
N THR A 473 -24.17 -2.00 -7.55
CA THR A 473 -24.32 -0.62 -8.02
C THR A 473 -23.15 0.27 -7.58
N GLU A 474 -22.83 0.21 -6.28
CA GLU A 474 -21.80 1.09 -5.73
C GLU A 474 -20.39 0.63 -6.09
N ILE A 475 -20.14 -0.68 -6.17
CA ILE A 475 -18.82 -1.17 -6.56
C ILE A 475 -18.51 -0.77 -8.01
N THR A 476 -19.54 -0.74 -8.85
CA THR A 476 -19.37 -0.40 -10.26
C THR A 476 -18.90 1.05 -10.41
N LYS A 477 -19.46 1.94 -9.60
CA LYS A 477 -19.10 3.36 -9.66
C LYS A 477 -17.63 3.58 -9.35
N VAL A 478 -17.13 2.96 -8.30
CA VAL A 478 -15.72 3.07 -7.95
C VAL A 478 -14.84 2.33 -8.97
N PHE A 479 -15.31 1.19 -9.45
CA PHE A 479 -14.58 0.48 -10.52
C PHE A 479 -14.38 1.37 -11.76
N ASN A 480 -15.43 2.07 -12.18
CA ASN A 480 -15.31 2.97 -13.32
C ASN A 480 -14.29 4.10 -13.10
N GLN A 481 -14.23 4.64 -11.88
CA GLN A 481 -13.19 5.62 -11.53
C GLN A 481 -11.81 5.00 -11.67
N ARG A 482 -11.65 3.80 -11.12
CA ARG A 482 -10.39 3.06 -11.19
C ARG A 482 -9.94 2.89 -12.63
N LYS A 483 -10.85 2.46 -13.48
CA LYS A 483 -10.59 2.23 -14.91
C LYS A 483 -10.03 3.49 -15.61
N GLU A 484 -10.61 4.64 -15.27
CA GLU A 484 -10.16 5.92 -15.82
C GLU A 484 -8.70 6.21 -15.45
N HIS A 485 -8.39 6.06 -14.17
CA HIS A 485 -7.04 6.33 -13.69
C HIS A 485 -6.02 5.31 -14.19
N LYS A 486 -6.41 4.03 -14.30
CA LYS A 486 -5.51 3.04 -14.86
C LYS A 486 -5.14 3.39 -16.31
N GLY A 487 -6.10 3.91 -17.05
CA GLY A 487 -5.85 4.42 -18.40
C GLY A 487 -4.77 5.49 -18.44
N TYR A 488 -4.86 6.45 -17.52
CA TYR A 488 -3.84 7.51 -17.44
C TYR A 488 -2.48 6.92 -17.09
N MET A 489 -2.47 5.94 -16.18
CA MET A 489 -1.24 5.31 -15.72
C MET A 489 -0.55 4.60 -16.87
N LEU A 490 -1.30 3.81 -17.62
CA LEU A 490 -0.73 3.03 -18.73
C LEU A 490 -0.26 3.92 -19.87
N ALA A 491 -0.98 4.99 -20.15
CA ALA A 491 -0.54 5.97 -21.16
C ALA A 491 0.79 6.59 -20.77
N ALA A 492 0.92 6.98 -19.50
CA ALA A 492 2.16 7.56 -18.99
C ALA A 492 3.32 6.57 -19.09
N GLN A 493 3.01 5.30 -18.83
CA GLN A 493 3.97 4.22 -18.94
C GLN A 493 4.43 4.06 -20.39
N ARG A 494 3.47 4.02 -21.31
CA ARG A 494 3.78 3.91 -22.73
C ARG A 494 4.59 5.11 -23.20
N ASN A 495 4.21 6.30 -22.74
CA ASN A 495 4.94 7.53 -23.08
C ASN A 495 6.38 7.49 -22.57
N GLY A 496 6.58 6.95 -21.37
CA GLY A 496 7.92 6.76 -20.81
C GLY A 496 8.80 5.93 -21.71
N GLU A 497 8.24 4.85 -22.29
CA GLU A 497 8.99 3.97 -23.18
C GLU A 497 9.37 4.67 -24.49
N ILE A 498 8.50 5.54 -24.98
CA ILE A 498 8.81 6.35 -26.17
C ILE A 498 10.07 7.20 -25.91
N ILE A 499 10.10 7.84 -24.74
CA ILE A 499 11.23 8.70 -24.36
C ILE A 499 12.51 7.87 -24.17
N LYS A 500 12.40 6.70 -23.53
CA LYS A 500 13.55 5.80 -23.38
C LYS A 500 14.13 5.38 -24.74
N GLU A 501 13.27 5.12 -25.72
CA GLU A 501 13.74 4.80 -27.07
C GLU A 501 14.47 6.00 -27.67
N ALA A 502 13.87 7.18 -27.53
CA ALA A 502 14.47 8.42 -28.04
C ALA A 502 15.84 8.71 -27.42
N LEU A 503 16.02 8.32 -26.16
CA LEU A 503 17.30 8.51 -25.47
C LEU A 503 18.47 7.72 -26.06
N HIS A 504 18.19 6.75 -26.93
CA HIS A 504 19.26 6.03 -27.64
C HIS A 504 19.99 6.95 -28.63
N ASN A 505 19.28 7.95 -29.16
CA ASN A 505 19.84 8.88 -30.12
C ASN A 505 19.56 10.34 -29.75
N PRO A 506 20.16 10.81 -28.64
CA PRO A 506 19.93 12.18 -28.19
C PRO A 506 20.63 13.19 -29.09
N ASN A 507 20.00 14.36 -29.27
CA ASN A 507 20.55 15.39 -30.14
C ASN A 507 21.49 16.32 -29.42
N LEU A 508 22.55 16.73 -30.10
CA LEU A 508 23.48 17.70 -29.56
C LEU A 508 22.90 19.08 -29.79
N SER A 509 22.17 19.58 -28.81
CA SER A 509 21.56 20.90 -28.88
C SER A 509 21.11 21.38 -27.50
N VAL A 510 20.77 22.65 -27.40
CA VAL A 510 20.24 23.24 -26.18
C VAL A 510 18.77 23.51 -26.41
N ASP A 511 17.92 22.95 -25.55
CA ASP A 511 16.46 23.03 -25.73
C ASP A 511 15.73 22.76 -24.42
N GLU A 512 14.40 22.75 -24.47
CA GLU A 512 13.58 22.56 -23.27
C GLU A 512 12.70 21.31 -23.40
N PRO A 513 12.28 20.75 -22.26
CA PRO A 513 11.28 19.67 -22.35
C PRO A 513 9.95 20.20 -22.88
N LEU A 514 9.22 19.36 -23.62
CA LEU A 514 7.93 19.75 -24.21
C LEU A 514 6.86 19.83 -23.14
N ASP A 515 5.99 20.85 -23.23
CA ASP A 515 4.85 20.97 -22.32
C ASP A 515 3.72 20.06 -22.78
N VAL A 516 3.62 18.89 -22.18
CA VAL A 516 2.65 17.88 -22.61
C VAL A 516 1.91 17.27 -21.42
N ASP A 517 0.75 16.67 -21.69
CA ASP A 517 -0.01 15.91 -20.69
C ASP A 517 0.34 14.42 -20.84
N TYR A 518 1.15 13.91 -19.91
CA TYR A 518 1.66 12.54 -19.98
C TYR A 518 0.59 11.48 -19.75
N ARG A 519 -0.60 11.89 -19.33
CA ARG A 519 -1.73 10.96 -19.13
C ARG A 519 -2.36 10.51 -20.45
N PHE A 520 -1.99 11.14 -21.55
CA PHE A 520 -2.53 10.78 -22.87
C PHE A 520 -1.41 10.39 -23.83
N ASP A 521 -1.63 9.33 -24.61
CA ASP A 521 -0.62 8.84 -25.53
C ASP A 521 -0.14 9.95 -26.45
N PHE A 522 1.18 10.08 -26.58
CA PHE A 522 1.80 11.14 -27.39
C PHE A 522 1.31 11.09 -28.83
N SER A 523 0.94 12.25 -29.36
CA SER A 523 0.58 12.39 -30.77
C SER A 523 1.80 12.22 -31.66
N ASP A 524 1.56 12.04 -32.95
CA ASP A 524 2.66 11.93 -33.93
C ASP A 524 3.55 13.17 -33.91
N GLU A 525 2.96 14.35 -33.69
CA GLU A 525 3.72 15.61 -33.66
C GLU A 525 4.67 15.65 -32.46
N ILE A 526 4.18 15.25 -31.30
CA ILE A 526 5.01 15.20 -30.10
C ILE A 526 6.15 14.20 -30.27
N LYS A 527 5.86 13.05 -30.88
CA LYS A 527 6.87 12.03 -31.11
C LYS A 527 7.98 12.52 -32.04
N GLU A 528 7.62 13.29 -33.05
CA GLU A 528 8.62 13.85 -33.96
C GLU A 528 9.51 14.88 -33.24
N LYS A 529 8.91 15.70 -32.38
CA LYS A 529 9.67 16.67 -31.59
C LYS A 529 10.62 15.98 -30.60
N ILE A 530 10.15 14.91 -29.96
CA ILE A 530 10.95 14.13 -29.03
C ILE A 530 12.23 13.59 -29.68
N LYS A 531 12.13 13.15 -30.92
CA LYS A 531 13.27 12.62 -31.66
C LYS A 531 14.35 13.66 -32.01
N LYS A 532 14.07 14.94 -31.76
CA LYS A 532 15.04 16.01 -31.99
C LYS A 532 15.56 16.63 -30.69
N LEU A 533 15.06 16.17 -29.53
CA LEU A 533 15.44 16.77 -28.25
C LEU A 533 16.80 16.28 -27.73
N SER A 534 17.40 17.10 -26.87
CA SER A 534 18.65 16.77 -26.19
C SER A 534 18.40 15.72 -25.10
N ALA A 535 19.49 15.09 -24.65
CA ALA A 535 19.41 14.10 -23.57
C ALA A 535 18.87 14.73 -22.29
N LYS A 536 19.30 15.96 -22.01
CA LYS A 536 18.86 16.65 -20.80
C LYS A 536 17.35 16.88 -20.80
N SER A 537 16.82 17.37 -21.92
CA SER A 537 15.39 17.59 -22.04
C SER A 537 14.60 16.26 -21.99
N LEU A 538 15.14 15.23 -22.66
CA LEU A 538 14.52 13.90 -22.65
C LEU A 538 14.48 13.28 -21.26
N ASN A 539 15.58 13.38 -20.52
CA ASN A 539 15.63 12.88 -19.14
C ASN A 539 14.67 13.63 -18.22
N GLU A 540 14.50 14.92 -18.44
CA GLU A 540 13.52 15.72 -17.70
C GLU A 540 12.10 15.25 -18.01
N MET A 541 11.82 15.01 -19.29
CA MET A 541 10.52 14.48 -19.71
C MET A 541 10.29 13.08 -19.16
N LEU A 542 11.32 12.25 -19.12
CA LEU A 542 11.20 10.89 -18.58
C LEU A 542 10.81 10.94 -17.11
N PHE A 543 11.47 11.81 -16.35
CA PHE A 543 11.14 12.01 -14.95
C PHE A 543 9.69 12.43 -14.76
N ARG A 544 9.23 13.37 -15.59
CA ARG A 544 7.85 13.85 -15.53
C ARG A 544 6.85 12.77 -15.92
N ALA A 545 7.16 12.00 -16.95
CA ALA A 545 6.35 10.85 -17.37
C ALA A 545 6.21 9.84 -16.23
N GLN A 546 7.34 9.52 -15.61
CA GLN A 546 7.35 8.57 -14.50
C GLN A 546 6.59 9.10 -13.28
N ARG A 547 6.66 10.39 -13.00
CA ARG A 547 5.86 10.98 -11.93
C ARG A 547 4.36 10.93 -12.25
N THR A 548 4.00 11.15 -13.50
CA THR A 548 2.61 11.03 -13.92
C THR A 548 2.14 9.58 -13.79
N GLU A 549 3.00 8.62 -14.15
CA GLU A 549 2.68 7.21 -13.98
C GLU A 549 2.45 6.88 -12.50
N VAL A 550 3.32 7.40 -11.62
CA VAL A 550 3.15 7.18 -10.18
C VAL A 550 1.82 7.76 -9.68
N ALA A 551 1.47 8.97 -10.11
CA ALA A 551 0.19 9.57 -9.71
C ALA A 551 -0.99 8.71 -10.16
N GLY A 552 -0.93 8.21 -11.40
CA GLY A 552 -1.95 7.30 -11.92
C GLY A 552 -2.00 6.00 -11.15
N MET A 553 -0.83 5.45 -10.81
CA MET A 553 -0.74 4.22 -10.03
C MET A 553 -1.45 4.39 -8.68
N THR A 554 -1.12 5.44 -7.96
CA THR A 554 -1.75 5.71 -6.67
C THR A 554 -3.27 5.73 -6.81
N ALA A 555 -3.76 6.48 -7.78
CA ALA A 555 -5.21 6.66 -7.96
C ALA A 555 -5.91 5.36 -8.32
N GLN A 556 -5.30 4.56 -9.19
CA GLN A 556 -5.93 3.34 -9.68
C GLN A 556 -5.77 2.17 -8.71
N ILE A 557 -4.57 1.98 -8.17
CA ILE A 557 -4.32 0.78 -7.36
C ILE A 557 -5.07 0.87 -6.03
N ASN A 558 -5.31 2.07 -5.54
CA ASN A 558 -6.02 2.21 -4.28
C ASN A 558 -7.54 2.23 -4.43
N ARG A 559 -8.03 2.56 -5.62
CA ARG A 559 -9.45 2.35 -5.93
C ARG A 559 -9.70 0.85 -6.14
N LYS A 560 -8.73 0.17 -6.74
CA LYS A 560 -8.74 -1.29 -6.81
C LYS A 560 -8.75 -1.89 -5.40
N LEU A 561 -7.92 -1.35 -4.51
CA LEU A 561 -7.90 -1.80 -3.12
C LEU A 561 -9.26 -1.61 -2.45
N LEU A 562 -9.88 -0.45 -2.67
CA LEU A 562 -11.15 -0.14 -2.04
C LEU A 562 -12.24 -1.11 -2.51
N ILE A 563 -12.35 -1.35 -3.82
CA ILE A 563 -13.36 -2.29 -4.30
C ILE A 563 -13.06 -3.74 -3.91
N ASN A 564 -11.80 -4.14 -3.89
CA ASN A 564 -11.45 -5.48 -3.40
C ASN A 564 -11.73 -5.63 -1.91
N SER A 565 -11.60 -4.51 -1.18
CA SER A 565 -11.90 -4.49 0.25
C SER A 565 -13.38 -4.55 0.56
N LEU A 566 -14.24 -4.20 -0.40
CA LEU A 566 -15.68 -4.44 -0.25
C LEU A 566 -15.98 -5.94 -0.28
N TYR A 567 -15.36 -6.66 -1.20
CA TYR A 567 -15.37 -8.12 -1.13
C TYR A 567 -14.88 -8.57 0.25
N GLY A 568 -13.72 -8.09 0.67
CA GLY A 568 -13.14 -8.51 1.95
C GLY A 568 -14.02 -8.20 3.15
N ALA A 569 -14.71 -7.06 3.08
CA ALA A 569 -15.58 -6.64 4.19
C ALA A 569 -16.74 -7.61 4.38
N LEU A 570 -17.20 -8.24 3.30
CA LEU A 570 -18.25 -9.26 3.39
C LEU A 570 -17.84 -10.44 4.28
N GLY A 571 -16.53 -10.65 4.41
CA GLY A 571 -15.97 -11.65 5.30
C GLY A 571 -15.34 -11.12 6.59
N ASN A 572 -15.72 -9.91 6.99
CA ASN A 572 -15.27 -9.33 8.27
C ASN A 572 -16.46 -9.09 9.19
N VAL A 573 -16.37 -9.60 10.41
CA VAL A 573 -17.52 -9.63 11.31
C VAL A 573 -18.01 -8.23 11.75
N TRP A 574 -17.19 -7.20 11.58
CA TRP A 574 -17.56 -5.83 11.94
C TRP A 574 -18.31 -5.07 10.84
N PHE A 575 -18.37 -5.64 9.64
CA PHE A 575 -19.10 -5.03 8.53
C PHE A 575 -20.60 -5.21 8.70
N ARG A 576 -21.36 -4.14 8.48
CA ARG A 576 -22.82 -4.18 8.61
C ARG A 576 -23.45 -5.26 7.71
N TYR A 577 -22.82 -5.52 6.55
CA TYR A 577 -23.31 -6.49 5.57
C TYR A 577 -22.46 -7.76 5.51
N TYR A 578 -21.81 -8.08 6.63
CA TYR A 578 -21.08 -9.33 6.77
C TYR A 578 -21.97 -10.51 6.42
N ASP A 579 -21.48 -11.39 5.56
CA ASP A 579 -22.24 -12.59 5.20
C ASP A 579 -21.30 -13.56 4.49
N LEU A 580 -20.93 -14.63 5.17
CA LEU A 580 -20.03 -15.62 4.58
C LEU A 580 -20.63 -16.33 3.37
N ARG A 581 -21.96 -16.36 3.26
CA ARG A 581 -22.59 -16.90 2.06
C ARG A 581 -22.18 -16.10 0.83
N ASN A 582 -22.14 -14.77 0.97
CA ASN A 582 -21.77 -13.90 -0.13
C ASN A 582 -20.25 -13.87 -0.37
N ALA A 583 -19.47 -13.84 0.70
CA ALA A 583 -18.01 -13.93 0.57
C ALA A 583 -17.60 -15.24 -0.12
N THR A 584 -18.21 -16.34 0.29
CA THR A 584 -17.90 -17.65 -0.31
C THR A 584 -18.46 -17.77 -1.73
N ALA A 585 -19.61 -17.15 -2.00
CA ALA A 585 -20.16 -17.11 -3.35
C ALA A 585 -19.15 -16.51 -4.33
N ILE A 586 -18.46 -15.46 -3.89
CA ILE A 586 -17.46 -14.78 -4.72
C ILE A 586 -16.24 -15.67 -4.95
N THR A 587 -15.65 -16.18 -3.86
CA THR A 587 -14.42 -16.96 -3.98
C THR A 587 -14.64 -18.28 -4.72
N THR A 588 -15.78 -18.94 -4.48
CA THR A 588 -16.06 -20.22 -5.12
C THR A 588 -16.32 -20.05 -6.62
N PHE A 589 -17.07 -19.00 -6.97
CA PHE A 589 -17.24 -18.62 -8.38
C PHE A 589 -15.88 -18.36 -9.03
N GLY A 590 -15.01 -17.66 -8.30
CA GLY A 590 -13.65 -17.38 -8.77
C GLY A 590 -12.83 -18.63 -9.06
N GLN A 591 -12.94 -19.63 -8.19
CA GLN A 591 -12.26 -20.90 -8.39
C GLN A 591 -12.75 -21.58 -9.67
N MET A 592 -14.06 -21.60 -9.85
CA MET A 592 -14.67 -22.17 -11.06
C MET A 592 -14.20 -21.45 -12.31
N ALA A 593 -14.23 -20.12 -12.28
CA ALA A 593 -13.85 -19.29 -13.44
C ALA A 593 -12.43 -19.64 -13.92
N LEU A 594 -11.51 -19.74 -12.97
CA LEU A 594 -10.11 -20.05 -13.28
C LEU A 594 -9.98 -21.42 -13.93
N GLN A 595 -10.57 -22.44 -13.31
CA GLN A 595 -10.44 -23.81 -13.78
C GLN A 595 -11.30 -24.09 -15.01
N TRP A 596 -12.44 -23.42 -15.11
CA TRP A 596 -13.26 -23.48 -16.32
C TRP A 596 -12.46 -22.96 -17.52
N ILE A 597 -11.85 -21.78 -17.37
CA ILE A 597 -11.14 -21.18 -18.50
C ILE A 597 -9.81 -21.89 -18.79
N GLU A 598 -9.20 -22.49 -17.77
CA GLU A 598 -8.06 -23.38 -17.99
C GLU A 598 -8.46 -24.48 -18.97
N ARG A 599 -9.60 -25.12 -18.71
CA ARG A 599 -10.12 -26.19 -19.57
C ARG A 599 -10.39 -25.69 -20.99
N LYS A 600 -11.02 -24.51 -21.09
CA LYS A 600 -11.39 -23.93 -22.39
C LYS A 600 -10.16 -23.57 -23.23
N VAL A 601 -9.14 -22.99 -22.58
CA VAL A 601 -7.92 -22.61 -23.28
C VAL A 601 -7.14 -23.85 -23.74
N ASN A 602 -7.02 -24.86 -22.87
CA ASN A 602 -6.39 -26.12 -23.26
C ASN A 602 -7.11 -26.74 -24.45
N GLU A 603 -8.44 -26.75 -24.40
CA GLU A 603 -9.25 -27.29 -25.49
C GLU A 603 -8.98 -26.54 -26.80
N TYR A 604 -8.98 -25.22 -26.74
CA TYR A 604 -8.76 -24.40 -27.92
C TYR A 604 -7.39 -24.63 -28.55
N LEU A 605 -6.35 -24.61 -27.74
CA LEU A 605 -4.99 -24.76 -28.25
C LEU A 605 -4.69 -26.18 -28.74
N ASN A 606 -5.23 -27.19 -28.06
CA ASN A 606 -5.12 -28.57 -28.55
C ASN A 606 -5.74 -28.72 -29.95
N GLU A 607 -6.88 -28.06 -30.14
CA GLU A 607 -7.56 -28.06 -31.44
C GLU A 607 -6.69 -27.41 -32.53
N VAL A 608 -6.22 -26.19 -32.29
CA VAL A 608 -5.39 -25.50 -33.31
C VAL A 608 -4.03 -26.15 -33.53
N CYS A 609 -3.56 -26.95 -32.56
CA CYS A 609 -2.30 -27.70 -32.70
C CYS A 609 -2.52 -29.16 -33.14
N GLY A 610 -3.76 -29.62 -33.11
CA GLY A 610 -4.12 -30.97 -33.54
C GLY A 610 -3.65 -32.06 -32.58
N THR A 611 -3.68 -31.76 -31.28
CA THR A 611 -3.25 -32.70 -30.24
C THR A 611 -4.41 -33.04 -29.31
N GLU A 612 -4.17 -33.94 -28.37
CA GLU A 612 -5.19 -34.35 -27.40
C GLU A 612 -4.56 -34.49 -26.01
N GLY A 613 -5.17 -33.83 -25.03
CA GLY A 613 -4.73 -33.94 -23.63
C GLY A 613 -3.44 -33.22 -23.29
N GLU A 614 -2.96 -32.36 -24.20
CA GLU A 614 -1.74 -31.58 -23.96
C GLU A 614 -2.08 -30.41 -23.04
N ALA A 615 -1.23 -30.17 -22.04
CA ALA A 615 -1.46 -29.08 -21.08
C ALA A 615 -0.75 -27.79 -21.49
N PHE A 616 -1.52 -26.84 -22.03
CA PHE A 616 -0.96 -25.55 -22.44
C PHE A 616 -0.91 -24.57 -21.28
N VAL A 617 -1.93 -24.63 -20.42
CA VAL A 617 -1.96 -23.79 -19.22
C VAL A 617 -1.06 -24.41 -18.15
N LEU A 618 0.06 -23.77 -17.87
CA LEU A 618 1.07 -24.33 -16.97
C LEU A 618 0.84 -23.92 -15.53
N TYR A 619 0.07 -22.86 -15.32
CA TYR A 619 -0.10 -22.27 -14.00
C TYR A 619 -1.27 -21.30 -13.96
N GLY A 620 -1.85 -21.18 -12.78
CA GLY A 620 -2.85 -20.18 -12.50
C GLY A 620 -2.98 -20.00 -11.00
N ASP A 621 -3.07 -18.75 -10.57
CA ASP A 621 -3.26 -18.42 -9.16
C ASP A 621 -4.37 -17.39 -9.07
N THR A 622 -5.50 -17.80 -8.51
CA THR A 622 -6.66 -16.94 -8.26
C THR A 622 -7.40 -16.50 -9.52
N ASP A 623 -6.67 -15.88 -10.44
CA ASP A 623 -7.25 -15.23 -11.60
C ASP A 623 -6.46 -15.58 -12.87
N SER A 624 -5.23 -15.10 -12.96
CA SER A 624 -4.47 -15.18 -14.19
C SER A 624 -4.11 -16.62 -14.56
N ILE A 625 -4.08 -16.89 -15.86
CA ILE A 625 -3.53 -18.13 -16.39
C ILE A 625 -2.24 -17.81 -17.15
N TYR A 626 -1.28 -18.72 -17.03
CA TYR A 626 -0.04 -18.65 -17.79
C TYR A 626 -0.04 -19.80 -18.79
N VAL A 627 0.13 -19.45 -20.07
CA VAL A 627 0.03 -20.41 -21.17
C VAL A 627 1.38 -20.56 -21.84
N SER A 628 1.81 -21.79 -22.04
CA SER A 628 3.04 -22.07 -22.77
C SER A 628 2.80 -21.81 -24.26
N ALA A 629 3.62 -20.97 -24.87
CA ALA A 629 3.49 -20.61 -26.28
C ALA A 629 4.56 -21.26 -27.17
N ASP A 630 5.33 -22.18 -26.62
CA ASP A 630 6.42 -22.86 -27.36
C ASP A 630 5.93 -23.46 -28.69
N LYS A 631 4.82 -24.20 -28.63
CA LYS A 631 4.29 -24.86 -29.82
C LYS A 631 3.79 -23.87 -30.88
N ILE A 632 3.33 -22.71 -30.42
CA ILE A 632 2.85 -21.66 -31.32
C ILE A 632 4.03 -21.09 -32.09
N ILE A 633 5.08 -20.70 -31.37
CA ILE A 633 6.32 -20.22 -31.98
C ILE A 633 6.90 -21.27 -32.93
N ASP A 634 6.98 -22.51 -32.46
CA ASP A 634 7.54 -23.61 -33.25
C ASP A 634 6.71 -23.94 -34.50
N LYS A 635 5.42 -23.61 -34.46
CA LYS A 635 4.54 -23.85 -35.61
C LYS A 635 5.02 -23.03 -36.81
N VAL A 636 5.52 -21.82 -36.55
CA VAL A 636 6.09 -21.00 -37.63
C VAL A 636 7.60 -21.26 -37.77
N GLY A 637 8.28 -21.44 -36.65
CA GLY A 637 9.72 -21.72 -36.63
C GLY A 637 10.54 -20.48 -36.32
N GLU A 638 11.42 -20.58 -35.32
CA GLU A 638 12.21 -19.42 -34.85
C GLU A 638 13.01 -18.72 -35.95
N SER A 639 13.44 -19.45 -36.97
CA SER A 639 14.25 -18.89 -38.06
C SER A 639 13.49 -17.90 -38.94
N LYS A 640 12.15 -17.96 -38.91
CA LYS A 640 11.32 -17.02 -39.68
C LYS A 640 11.32 -15.60 -39.10
N PHE A 641 11.72 -15.44 -37.84
CA PHE A 641 11.63 -14.14 -37.18
C PHE A 641 12.91 -13.31 -37.36
N ARG A 642 12.72 -12.03 -37.71
CA ARG A 642 13.82 -11.10 -37.94
C ARG A 642 14.52 -10.74 -36.65
N ASP A 643 13.73 -10.55 -35.59
CA ASP A 643 14.27 -10.16 -34.29
C ASP A 643 13.27 -10.51 -33.19
N THR A 644 13.63 -10.21 -31.94
CA THR A 644 12.75 -10.47 -30.80
C THR A 644 11.39 -9.80 -30.98
N ASN A 645 11.41 -8.52 -31.34
CA ASN A 645 10.19 -7.75 -31.50
C ASN A 645 9.22 -8.37 -32.51
N HIS A 646 9.75 -9.09 -33.50
CA HIS A 646 8.89 -9.77 -34.49
C HIS A 646 8.05 -10.90 -33.88
N TRP A 647 8.67 -11.80 -33.11
CA TRP A 647 7.85 -12.85 -32.47
C TRP A 647 6.95 -12.32 -31.35
N VAL A 648 7.35 -11.21 -30.71
CA VAL A 648 6.50 -10.58 -29.69
C VAL A 648 5.24 -10.03 -30.37
N ASP A 649 5.41 -9.30 -31.47
CA ASP A 649 4.28 -8.86 -32.32
C ASP A 649 3.37 -10.00 -32.73
N PHE A 650 3.98 -11.11 -33.13
CA PHE A 650 3.24 -12.28 -33.58
C PHE A 650 2.38 -12.86 -32.46
N LEU A 651 2.97 -13.03 -31.28
CA LEU A 651 2.24 -13.54 -30.13
C LEU A 651 1.18 -12.54 -29.65
N ASP A 652 1.51 -11.25 -29.72
CA ASP A 652 0.55 -10.19 -29.41
C ASP A 652 -0.70 -10.31 -30.29
N LYS A 653 -0.48 -10.47 -31.60
CA LYS A 653 -1.58 -10.63 -32.55
C LYS A 653 -2.37 -11.92 -32.32
N PHE A 654 -1.64 -13.01 -32.06
CA PHE A 654 -2.27 -14.31 -31.82
C PHE A 654 -3.16 -14.26 -30.59
N ALA A 655 -2.64 -13.66 -29.51
CA ALA A 655 -3.40 -13.53 -28.26
C ALA A 655 -4.67 -12.72 -28.47
N ARG A 656 -4.54 -11.57 -29.14
CA ARG A 656 -5.65 -10.67 -29.35
C ARG A 656 -6.69 -11.20 -30.34
N GLU A 657 -6.24 -11.75 -31.47
CA GLU A 657 -7.15 -12.11 -32.56
C GLU A 657 -7.68 -13.55 -32.49
N ARG A 658 -6.97 -14.44 -31.80
CA ARG A 658 -7.37 -15.84 -31.73
C ARG A 658 -7.75 -16.27 -30.32
N MET A 659 -6.87 -16.02 -29.35
CA MET A 659 -7.07 -16.52 -28.00
C MET A 659 -8.14 -15.77 -27.20
N GLU A 660 -8.12 -14.44 -27.28
CA GLU A 660 -9.10 -13.65 -26.52
C GLU A 660 -10.54 -13.92 -26.96
N PRO A 661 -10.81 -13.99 -28.27
CA PRO A 661 -12.17 -14.38 -28.69
C PRO A 661 -12.60 -15.75 -28.17
N ALA A 662 -11.69 -16.72 -28.17
CA ALA A 662 -11.96 -18.06 -27.62
C ALA A 662 -12.25 -18.00 -26.12
N ILE A 663 -11.47 -17.19 -25.41
CA ILE A 663 -11.67 -17.00 -23.97
C ILE A 663 -13.03 -16.35 -23.70
N ASP A 664 -13.37 -15.33 -24.49
CA ASP A 664 -14.67 -14.66 -24.39
C ASP A 664 -15.83 -15.63 -24.61
N ARG A 665 -15.75 -16.43 -25.68
CA ARG A 665 -16.76 -17.46 -25.94
C ARG A 665 -16.89 -18.39 -24.73
N GLY A 666 -15.75 -18.80 -24.19
CA GLY A 666 -15.71 -19.67 -23.02
C GLY A 666 -16.43 -19.09 -21.82
N PHE A 667 -16.15 -17.83 -21.49
CA PHE A 667 -16.80 -17.22 -20.35
C PHE A 667 -18.28 -16.91 -20.58
N ARG A 668 -18.66 -16.56 -21.81
CA ARG A 668 -20.07 -16.32 -22.12
CA ARG A 668 -20.08 -16.33 -22.13
C ARG A 668 -20.90 -17.59 -21.86
N GLU A 669 -20.34 -18.75 -22.21
CA GLU A 669 -20.99 -20.02 -21.93
C GLU A 669 -21.10 -20.27 -20.43
N MET A 670 -20.07 -19.92 -19.67
CA MET A 670 -20.11 -20.07 -18.23
C MET A 670 -21.15 -19.17 -17.60
N CYS A 671 -21.29 -17.95 -18.13
CA CYS A 671 -22.32 -17.01 -17.68
C CYS A 671 -23.73 -17.60 -17.86
N GLU A 672 -23.97 -18.21 -19.02
CA GLU A 672 -25.28 -18.83 -19.30
C GLU A 672 -25.53 -20.05 -18.42
N TYR A 673 -24.48 -20.84 -18.19
CA TYR A 673 -24.54 -22.03 -17.34
C TYR A 673 -24.98 -21.65 -15.92
N MET A 674 -24.41 -20.58 -15.39
CA MET A 674 -24.76 -20.07 -14.06
C MET A 674 -25.95 -19.11 -14.08
N ASN A 675 -26.49 -18.85 -15.28
CA ASN A 675 -27.62 -17.95 -15.46
C ASN A 675 -27.39 -16.56 -14.85
N ASN A 676 -26.17 -16.05 -15.01
CA ASN A 676 -25.82 -14.79 -14.36
C ASN A 676 -26.50 -13.58 -15.01
N LYS A 677 -26.52 -12.47 -14.26
CA LYS A 677 -27.22 -11.27 -14.71
C LYS A 677 -26.55 -10.63 -15.92
N GLN A 678 -25.22 -10.56 -15.90
CA GLN A 678 -24.47 -9.90 -16.98
C GLN A 678 -23.07 -10.49 -17.11
N HIS A 679 -22.67 -10.77 -18.36
CA HIS A 679 -21.32 -11.24 -18.64
C HIS A 679 -20.31 -10.12 -18.43
N LEU A 680 -19.45 -10.28 -17.44
CA LEU A 680 -18.42 -9.30 -17.11
C LEU A 680 -17.05 -9.93 -16.86
N MET A 681 -16.86 -11.18 -17.30
CA MET A 681 -15.55 -11.83 -17.18
C MET A 681 -14.73 -11.46 -18.42
N PHE A 682 -13.95 -10.40 -18.29
CA PHE A 682 -13.17 -9.87 -19.40
C PHE A 682 -11.70 -10.18 -19.13
N MET A 683 -11.22 -11.23 -19.80
CA MET A 683 -9.86 -11.72 -19.60
C MET A 683 -9.00 -11.35 -20.80
N ASP A 684 -8.10 -10.40 -20.61
CA ASP A 684 -7.24 -9.90 -21.67
C ASP A 684 -5.81 -10.38 -21.48
N ARG A 685 -5.06 -10.40 -22.57
CA ARG A 685 -3.64 -10.75 -22.51
C ARG A 685 -2.91 -9.78 -21.59
N GLU A 686 -2.05 -10.32 -20.72
CA GLU A 686 -1.27 -9.52 -19.81
C GLU A 686 0.19 -9.46 -20.30
N ALA A 687 0.94 -10.53 -20.07
CA ALA A 687 2.37 -10.56 -20.38
C ALA A 687 2.69 -11.41 -21.60
N ILE A 688 3.72 -10.99 -22.34
CA ILE A 688 4.37 -11.81 -23.35
C ILE A 688 5.83 -11.94 -22.93
N ALA A 689 6.28 -13.17 -22.72
CA ALA A 689 7.60 -13.45 -22.17
C ALA A 689 8.36 -14.49 -22.96
N GLY A 690 9.69 -14.36 -22.96
CA GLY A 690 10.58 -15.32 -23.63
C GLY A 690 12.00 -14.81 -23.64
N PRO A 691 12.95 -15.64 -24.08
CA PRO A 691 14.34 -15.20 -24.17
C PRO A 691 14.57 -14.31 -25.38
N PRO A 692 15.63 -13.49 -25.35
CA PRO A 692 16.01 -12.74 -26.56
C PRO A 692 16.28 -13.70 -27.70
N LEU A 693 15.82 -13.36 -28.91
CA LEU A 693 15.98 -14.22 -30.08
C LEU A 693 17.47 -14.48 -30.33
N GLY A 694 17.83 -15.75 -30.53
CA GLY A 694 19.21 -16.13 -30.81
C GLY A 694 20.08 -16.34 -29.58
N SER A 695 19.53 -16.07 -28.40
CA SER A 695 20.28 -16.23 -27.14
C SER A 695 20.13 -17.65 -26.59
N LYS A 696 20.87 -17.94 -25.54
CA LYS A 696 20.72 -19.18 -24.78
C LYS A 696 19.92 -18.97 -23.48
N GLY A 697 19.24 -17.83 -23.36
CA GLY A 697 18.40 -17.55 -22.20
C GLY A 697 17.24 -18.52 -22.11
N ILE A 698 16.78 -18.83 -20.90
CA ILE A 698 15.71 -19.82 -20.74
C ILE A 698 14.30 -19.20 -20.76
N GLY A 699 14.20 -17.87 -20.72
CA GLY A 699 12.90 -17.18 -20.79
C GLY A 699 12.23 -17.01 -19.44
N GLY A 700 12.01 -18.12 -18.75
CA GLY A 700 11.32 -18.10 -17.47
C GLY A 700 11.43 -19.42 -16.74
N PHE A 701 11.01 -19.42 -15.47
CA PHE A 701 10.92 -20.64 -14.69
C PHE A 701 9.93 -20.50 -13.52
N TRP A 702 9.40 -21.64 -13.10
CA TRP A 702 8.58 -21.79 -11.90
C TRP A 702 9.29 -22.75 -10.96
N THR A 703 9.33 -22.43 -9.66
CA THR A 703 9.81 -23.40 -8.67
C THR A 703 8.65 -24.05 -7.91
N GLY A 704 7.49 -23.41 -7.91
CA GLY A 704 6.33 -23.87 -7.15
C GLY A 704 5.24 -22.82 -7.16
N LYS A 705 4.21 -23.03 -6.35
CA LYS A 705 3.14 -22.05 -6.23
C LYS A 705 3.70 -20.72 -5.75
N LYS A 706 3.23 -19.63 -6.36
CA LYS A 706 3.59 -18.28 -5.96
C LYS A 706 5.09 -17.98 -6.05
N ARG A 707 5.79 -18.70 -6.92
CA ARG A 707 7.25 -18.56 -7.07
C ARG A 707 7.69 -18.76 -8.52
N TYR A 708 7.88 -17.66 -9.24
CA TYR A 708 8.27 -17.74 -10.64
C TYR A 708 8.96 -16.48 -11.11
N ALA A 709 9.59 -16.58 -12.29
CA ALA A 709 10.31 -15.48 -12.90
C ALA A 709 10.14 -15.54 -14.41
N LEU A 710 9.85 -14.40 -15.03
CA LEU A 710 9.67 -14.29 -16.48
C LEU A 710 10.41 -13.09 -17.05
N ASN A 711 10.95 -13.27 -18.25
CA ASN A 711 11.55 -12.17 -19.00
C ASN A 711 10.51 -11.58 -19.95
N VAL A 712 9.94 -10.44 -19.55
CA VAL A 712 8.77 -9.85 -20.23
C VAL A 712 9.14 -8.75 -21.23
N TRP A 713 8.56 -8.82 -22.42
CA TRP A 713 8.77 -7.82 -23.48
C TRP A 713 7.60 -6.87 -23.64
N ASP A 714 6.40 -7.32 -23.27
CA ASP A 714 5.20 -6.52 -23.39
C ASP A 714 4.27 -6.85 -22.23
N MET A 715 3.80 -5.81 -21.55
CA MET A 715 2.91 -5.95 -20.41
C MET A 715 1.71 -5.03 -20.60
N GLU A 716 0.54 -5.62 -20.79
CA GLU A 716 -0.72 -4.88 -20.98
C GLU A 716 -0.65 -3.80 -22.05
N GLY A 717 0.09 -4.09 -23.12
CA GLY A 717 0.21 -3.16 -24.25
C GLY A 717 1.38 -2.20 -24.17
N THR A 718 2.17 -2.27 -23.10
CA THR A 718 3.41 -1.51 -23.01
C THR A 718 4.54 -2.35 -23.58
N ARG A 719 5.10 -1.90 -24.69
CA ARG A 719 6.23 -2.58 -25.33
C ARG A 719 7.51 -1.95 -24.82
N TYR A 720 8.26 -2.70 -24.00
CA TYR A 720 9.41 -2.13 -23.32
C TYR A 720 10.58 -1.89 -24.27
N ALA A 721 11.29 -0.78 -24.02
CA ALA A 721 12.56 -0.52 -24.70
C ALA A 721 13.59 -1.60 -24.35
N GLU A 722 13.60 -1.99 -23.09
CA GLU A 722 14.43 -3.11 -22.61
C GLU A 722 13.56 -4.13 -21.90
N PRO A 723 13.86 -5.43 -22.04
CA PRO A 723 13.01 -6.44 -21.37
C PRO A 723 13.02 -6.25 -19.86
N LYS A 724 11.91 -6.59 -19.22
CA LYS A 724 11.72 -6.37 -17.79
C LYS A 724 11.50 -7.71 -17.12
N LEU A 725 12.19 -7.94 -16.02
CA LEU A 725 11.99 -9.16 -15.26
C LEU A 725 10.74 -9.03 -14.39
N LYS A 726 9.81 -9.95 -14.57
CA LYS A 726 8.69 -10.09 -13.67
C LYS A 726 9.01 -11.25 -12.73
N ILE A 727 9.35 -10.94 -11.49
CA ILE A 727 9.71 -11.95 -10.51
C ILE A 727 8.70 -11.90 -9.38
N MET A 728 8.03 -13.02 -9.13
CA MET A 728 7.01 -13.08 -8.09
C MET A 728 7.41 -14.10 -7.03
N GLY A 729 7.38 -13.69 -5.76
CA GLY A 729 7.55 -14.61 -4.63
C GLY A 729 8.98 -14.98 -4.29
N LEU A 730 9.88 -14.96 -5.27
CA LEU A 730 11.27 -15.33 -5.03
C LEU A 730 11.94 -14.33 -4.10
N GLU A 731 13.08 -14.74 -3.55
CA GLU A 731 13.74 -13.99 -2.48
C GLU A 731 14.15 -12.57 -2.88
N THR A 732 14.32 -12.32 -4.18
CA THR A 732 14.55 -10.97 -4.68
C THR A 732 13.43 -10.00 -4.27
N GLN A 733 12.23 -10.55 -4.03
CA GLN A 733 11.04 -9.75 -3.75
C GLN A 733 10.70 -9.62 -2.28
N LYS A 734 11.48 -10.26 -1.42
CA LYS A 734 11.18 -10.33 0.01
C LYS A 734 12.03 -9.35 0.79
N SER A 735 11.38 -8.55 1.63
CA SER A 735 12.07 -7.56 2.46
C SER A 735 13.00 -8.19 3.49
N SER A 736 12.80 -9.47 3.79
CA SER A 736 13.65 -10.22 4.71
C SER A 736 15.02 -10.59 4.11
N THR A 737 15.11 -10.59 2.78
CA THR A 737 16.35 -10.94 2.08
C THR A 737 17.32 -9.74 2.11
N PRO A 738 18.61 -9.97 2.40
CA PRO A 738 19.53 -8.83 2.44
C PRO A 738 19.59 -8.07 1.12
N LYS A 739 19.78 -6.76 1.18
CA LYS A 739 19.78 -5.91 -0.01
C LYS A 739 20.73 -6.36 -1.12
N ALA A 740 21.98 -6.65 -0.74
CA ALA A 740 22.99 -7.03 -1.72
C ALA A 740 22.69 -8.41 -2.30
N VAL A 741 21.99 -9.25 -1.54
CA VAL A 741 21.61 -10.59 -1.98
C VAL A 741 20.41 -10.56 -2.93
N GLN A 742 19.44 -9.68 -2.67
CA GLN A 742 18.37 -9.40 -3.63
C GLN A 742 18.98 -9.02 -4.97
N LYS A 743 19.96 -8.12 -4.92
CA LYS A 743 20.61 -7.61 -6.13
C LYS A 743 21.33 -8.74 -6.89
N ALA A 744 22.10 -9.55 -6.17
CA ALA A 744 22.84 -10.67 -6.77
C ALA A 744 21.93 -11.77 -7.30
N LEU A 745 20.91 -12.13 -6.53
CA LEU A 745 19.93 -13.13 -6.99
C LEU A 745 19.17 -12.63 -8.22
N LYS A 746 18.87 -11.34 -8.27
CA LYS A 746 18.21 -10.76 -9.44
C LYS A 746 19.08 -10.85 -10.68
N GLU A 747 20.37 -10.55 -10.54
CA GLU A 747 21.30 -10.67 -11.64
C GLU A 747 21.48 -12.13 -12.09
N CYS A 748 21.48 -13.07 -11.15
CA CYS A 748 21.53 -14.50 -11.50
C CYS A 748 20.31 -14.87 -12.33
N ILE A 749 19.14 -14.41 -11.91
CA ILE A 749 17.90 -14.65 -12.65
C ILE A 749 17.95 -14.00 -14.03
N ARG A 750 18.39 -12.75 -14.10
CA ARG A 750 18.51 -12.07 -15.39
C ARG A 750 19.37 -12.87 -16.34
N ARG A 751 20.53 -13.32 -15.85
CA ARG A 751 21.43 -14.11 -16.67
C ARG A 751 20.80 -15.44 -17.10
N MET A 752 20.12 -16.11 -16.17
CA MET A 752 19.41 -17.34 -16.50
C MET A 752 18.40 -17.13 -17.63
N LEU A 753 17.56 -16.13 -17.48
CA LEU A 753 16.45 -15.90 -18.41
C LEU A 753 16.88 -15.31 -19.76
N GLN A 754 17.94 -14.50 -19.75
CA GLN A 754 18.34 -13.74 -20.95
C GLN A 754 19.59 -14.28 -21.64
N GLU A 755 20.49 -14.89 -20.89
CA GLU A 755 21.82 -15.24 -21.40
C GLU A 755 22.14 -16.73 -21.32
N GLY A 756 21.71 -17.41 -20.25
CA GLY A 756 21.85 -18.86 -20.16
C GLY A 756 22.77 -19.36 -19.06
N GLU A 757 23.04 -20.66 -19.09
CA GLU A 757 23.79 -21.35 -18.03
C GLU A 757 25.21 -20.85 -17.84
N GLU A 758 25.95 -20.68 -18.92
CA GLU A 758 27.35 -20.27 -18.82
C GLU A 758 27.46 -18.88 -18.19
N SER A 759 26.57 -17.97 -18.57
CA SER A 759 26.55 -16.63 -18.00
C SER A 759 26.28 -16.66 -16.50
N LEU A 760 25.27 -17.45 -16.11
CA LEU A 760 25.00 -17.67 -14.69
C LEU A 760 26.24 -18.14 -13.94
N GLN A 761 26.94 -19.14 -14.51
CA GLN A 761 28.10 -19.73 -13.86
C GLN A 761 29.23 -18.72 -13.65
N GLU A 762 29.46 -17.85 -14.63
CA GLU A 762 30.48 -16.80 -14.51
C GLU A 762 30.16 -15.83 -13.37
N TYR A 763 28.89 -15.43 -13.27
CA TYR A 763 28.48 -14.48 -12.24
C TYR A 763 28.54 -15.10 -10.84
N PHE A 764 28.04 -16.32 -10.70
CA PHE A 764 28.08 -17.01 -9.42
C PHE A 764 29.50 -17.09 -8.86
N LYS A 765 30.42 -17.54 -9.70
CA LYS A 765 31.82 -17.72 -9.29
C LYS A 765 32.39 -16.41 -8.75
N GLU A 766 32.06 -15.30 -9.39
CA GLU A 766 32.55 -14.01 -8.93
C GLU A 766 31.90 -13.56 -7.62
N PHE A 767 30.58 -13.71 -7.50
CA PHE A 767 29.89 -13.30 -6.29
C PHE A 767 30.43 -14.04 -5.06
N GLU A 768 30.52 -15.37 -5.17
CA GLU A 768 31.07 -16.21 -4.11
C GLU A 768 32.46 -15.77 -3.69
N LYS A 769 33.25 -15.31 -4.65
CA LYS A 769 34.63 -14.90 -4.40
C LYS A 769 34.75 -13.54 -3.72
N GLU A 770 33.84 -12.62 -4.05
CA GLU A 770 33.97 -11.22 -3.62
C GLU A 770 33.02 -10.76 -2.51
N PHE A 771 32.02 -11.57 -2.15
CA PHE A 771 30.92 -11.06 -1.34
C PHE A 771 31.30 -10.64 0.09
N ARG A 772 32.42 -11.11 0.60
CA ARG A 772 32.86 -10.77 1.96
CA ARG A 772 32.84 -10.77 1.97
C ARG A 772 33.24 -9.30 2.09
N GLN A 773 33.41 -8.63 0.95
CA GLN A 773 33.71 -7.21 0.91
C GLN A 773 32.46 -6.33 1.02
N LEU A 774 31.28 -6.95 0.91
CA LEU A 774 30.03 -6.19 0.97
C LEU A 774 29.80 -5.62 2.36
N ASN A 775 29.27 -4.40 2.40
CA ASN A 775 28.94 -3.73 3.65
C ASN A 775 27.99 -4.58 4.50
N TYR A 776 28.27 -4.66 5.80
CA TYR A 776 27.52 -5.55 6.70
C TYR A 776 26.00 -5.34 6.68
N ILE A 777 25.56 -4.09 6.55
CA ILE A 777 24.13 -3.81 6.48
C ILE A 777 23.50 -4.41 5.23
N SER A 778 24.23 -4.39 4.11
CA SER A 778 23.72 -4.89 2.83
C SER A 778 23.62 -6.42 2.78
N ILE A 779 24.30 -7.11 3.69
CA ILE A 779 24.22 -8.57 3.74
C ILE A 779 23.50 -9.08 4.99
N ALA A 780 22.93 -8.16 5.78
CA ALA A 780 22.11 -8.51 6.93
C ALA A 780 20.70 -8.89 6.50
N SER A 781 20.15 -9.92 7.13
CA SER A 781 18.74 -10.27 6.94
C SER A 781 17.86 -9.30 7.72
N VAL A 782 16.57 -9.28 7.40
CA VAL A 782 15.62 -8.41 8.08
C VAL A 782 14.41 -9.21 8.57
N SER A 783 13.91 -8.88 9.75
CA SER A 783 12.68 -9.47 10.25
C SER A 783 11.96 -8.52 11.19
N SER A 784 10.63 -8.54 11.14
CA SER A 784 9.81 -7.97 12.20
C SER A 784 10.08 -8.74 13.47
N ALA A 785 9.98 -8.07 14.61
CA ALA A 785 10.30 -8.67 15.90
C ALA A 785 9.15 -8.53 16.90
N ASN A 786 8.32 -9.57 16.99
CA ASN A 786 7.19 -9.60 17.92
C ASN A 786 7.47 -10.52 19.09
N ASN A 787 6.83 -10.24 20.23
CA ASN A 787 6.91 -11.08 21.43
C ASN A 787 8.34 -11.34 21.91
N ILE A 788 9.15 -10.29 21.96
CA ILE A 788 10.52 -10.40 22.46
C ILE A 788 10.51 -10.86 23.93
N ALA A 789 9.57 -10.32 24.70
CA ALA A 789 9.46 -10.64 26.13
C ALA A 789 9.06 -12.10 26.38
N LYS A 790 8.18 -12.65 25.54
CA LYS A 790 7.71 -14.04 25.69
C LYS A 790 8.87 -15.05 25.67
N TYR A 791 9.89 -14.78 24.88
CA TYR A 791 11.02 -15.70 24.71
C TYR A 791 12.26 -15.30 25.51
N ASP A 792 12.16 -14.21 26.28
CA ASP A 792 13.25 -13.74 27.12
C ASP A 792 13.16 -14.40 28.50
N VAL A 793 14.12 -15.28 28.80
CA VAL A 793 14.22 -15.96 30.09
C VAL A 793 15.54 -15.55 30.75
N GLY A 794 15.49 -14.51 31.57
CA GLY A 794 16.68 -13.97 32.25
C GLY A 794 17.75 -13.47 31.30
N GLY A 795 17.32 -12.92 30.16
CA GLY A 795 18.24 -12.40 29.14
C GLY A 795 18.68 -13.43 28.12
N PHE A 796 18.19 -14.67 28.24
CA PHE A 796 18.58 -15.75 27.35
C PHE A 796 17.35 -16.38 26.69
N PRO A 797 17.54 -17.04 25.53
CA PRO A 797 16.41 -17.60 24.77
C PRO A 797 15.63 -18.67 25.52
N GLY A 798 14.31 -18.52 25.56
CA GLY A 798 13.43 -19.54 26.10
C GLY A 798 13.16 -20.62 25.07
N PRO A 799 12.34 -21.62 25.41
CA PRO A 799 12.02 -22.69 24.48
C PRO A 799 11.42 -22.18 23.17
N LYS A 800 11.83 -22.77 22.05
CA LYS A 800 11.30 -22.43 20.72
C LYS A 800 11.53 -20.97 20.33
N CYS A 801 12.59 -20.38 20.88
CA CYS A 801 12.90 -18.97 20.60
C CYS A 801 13.24 -18.80 19.12
N PRO A 802 12.54 -17.89 18.42
CA PRO A 802 12.88 -17.65 17.02
C PRO A 802 14.28 -17.07 16.84
N PHE A 803 14.88 -17.35 15.68
CA PHE A 803 16.25 -16.95 15.38
C PHE A 803 16.49 -15.46 15.50
N HIS A 804 15.59 -14.66 14.93
CA HIS A 804 15.74 -13.20 15.02
C HIS A 804 15.55 -12.68 16.44
N ILE A 805 14.70 -13.33 17.22
CA ILE A 805 14.48 -12.96 18.61
C ILE A 805 15.71 -13.30 19.45
N ARG A 806 16.28 -14.48 19.19
CA ARG A 806 17.56 -14.86 19.81
C ARG A 806 18.61 -13.77 19.55
N GLY A 807 18.66 -13.27 18.33
CA GLY A 807 19.58 -12.19 17.96
C GLY A 807 19.38 -10.94 18.81
N ILE A 808 18.12 -10.59 19.05
CA ILE A 808 17.80 -9.40 19.86
C ILE A 808 18.27 -9.59 21.30
N LEU A 809 18.06 -10.78 21.85
CA LEU A 809 18.49 -11.08 23.21
C LEU A 809 20.01 -10.99 23.30
N THR A 810 20.70 -11.46 22.27
CA THR A 810 22.16 -11.34 22.21
C THR A 810 22.57 -9.86 22.27
N TYR A 811 21.94 -9.06 21.43
CA TYR A 811 22.15 -7.61 21.40
C TYR A 811 21.90 -6.96 22.75
N ASN A 812 20.79 -7.32 23.40
CA ASN A 812 20.45 -6.74 24.71
C ASN A 812 21.50 -7.03 25.78
N ARG A 813 22.05 -8.25 25.79
CA ARG A 813 23.13 -8.58 26.71
C ARG A 813 24.39 -7.76 26.41
N ALA A 814 24.69 -7.57 25.13
CA ALA A 814 25.89 -6.85 24.70
C ALA A 814 25.87 -5.35 25.04
N ILE A 815 24.68 -4.73 25.02
CA ILE A 815 24.56 -3.30 25.31
C ILE A 815 24.17 -2.99 26.76
N LYS A 816 24.31 -3.98 27.65
CA LYS A 816 24.02 -3.78 29.06
C LYS A 816 24.98 -2.73 29.61
N GLY A 817 24.42 -1.63 30.10
CA GLY A 817 25.22 -0.52 30.63
C GLY A 817 25.43 0.60 29.61
N ASN A 818 25.80 0.22 28.38
CA ASN A 818 26.03 1.19 27.30
C ASN A 818 24.88 2.19 27.18
N ILE A 819 25.17 3.46 27.46
CA ILE A 819 24.15 4.49 27.54
C ILE A 819 23.79 5.06 26.16
N ASP A 820 24.72 4.97 25.21
CA ASP A 820 24.48 5.43 23.84
C ASP A 820 24.01 4.27 22.92
N ALA A 821 23.19 3.38 23.48
CA ALA A 821 22.73 2.21 22.76
C ALA A 821 21.23 2.31 22.48
N PRO A 822 20.85 2.31 21.20
CA PRO A 822 19.42 2.23 20.83
C PRO A 822 18.79 0.91 21.28
N GLN A 823 17.57 1.01 21.81
CA GLN A 823 16.82 -0.17 22.21
C GLN A 823 16.05 -0.72 21.01
N VAL A 824 15.96 -2.03 20.92
CA VAL A 824 15.09 -2.68 19.94
C VAL A 824 13.65 -2.49 20.41
N VAL A 825 12.78 -2.04 19.51
CA VAL A 825 11.40 -1.73 19.84
C VAL A 825 10.47 -2.88 19.43
N GLU A 826 9.69 -3.36 20.40
CA GLU A 826 8.71 -4.40 20.18
C GLU A 826 7.85 -4.10 18.95
N GLY A 827 7.82 -5.04 18.01
CA GLY A 827 6.96 -4.94 16.83
C GLY A 827 7.57 -4.24 15.62
N GLU A 828 8.76 -3.68 15.79
CA GLU A 828 9.48 -3.04 14.70
C GLU A 828 10.43 -4.05 14.06
N LYS A 829 11.21 -3.61 13.08
CA LYS A 829 12.08 -4.53 12.35
C LYS A 829 13.52 -4.44 12.79
N VAL A 830 14.24 -5.56 12.64
CA VAL A 830 15.64 -5.65 12.99
C VAL A 830 16.46 -6.21 11.83
N TYR A 831 17.72 -5.77 11.74
CA TYR A 831 18.72 -6.47 10.95
C TYR A 831 19.22 -7.64 11.77
N VAL A 832 19.60 -8.72 11.10
CA VAL A 832 20.07 -9.94 11.76
C VAL A 832 21.31 -10.48 11.05
N LEU A 833 22.35 -10.79 11.82
CA LEU A 833 23.55 -11.41 11.29
C LEU A 833 23.93 -12.65 12.09
N PRO A 834 24.41 -13.70 11.40
CA PRO A 834 24.95 -14.85 12.09
C PRO A 834 26.37 -14.58 12.58
N LEU A 835 26.75 -15.26 13.67
CA LEU A 835 28.05 -15.07 14.32
C LEU A 835 28.80 -16.40 14.36
N ARG A 836 30.11 -16.35 14.14
CA ARG A 836 30.94 -17.57 14.15
C ARG A 836 31.11 -18.14 15.55
N GLU A 837 31.35 -19.46 15.61
CA GLU A 837 31.59 -20.18 16.86
C GLU A 837 32.67 -19.49 17.70
N GLY A 838 32.41 -19.39 19.01
CA GLY A 838 33.40 -18.86 19.95
C GLY A 838 33.48 -17.34 20.02
N ASN A 839 32.50 -16.65 19.44
CA ASN A 839 32.43 -15.20 19.50
C ASN A 839 32.11 -14.71 20.93
N PRO A 840 32.51 -13.47 21.25
CA PRO A 840 32.29 -12.93 22.61
C PRO A 840 30.84 -12.61 22.96
N PHE A 841 29.94 -12.62 21.99
CA PHE A 841 28.52 -12.36 22.27
C PHE A 841 27.81 -13.56 22.89
N GLY A 842 28.45 -14.73 22.80
CA GLY A 842 27.95 -15.93 23.46
C GLY A 842 26.75 -16.58 22.80
N ASP A 843 26.50 -16.26 21.54
CA ASP A 843 25.41 -16.90 20.79
C ASP A 843 25.62 -16.81 19.27
N LYS A 844 24.77 -17.51 18.52
CA LYS A 844 24.99 -17.75 17.10
C LYS A 844 24.50 -16.64 16.16
N CYS A 845 23.88 -15.60 16.73
CA CYS A 845 23.42 -14.47 15.93
C CYS A 845 23.19 -13.24 16.79
N ILE A 846 23.12 -12.08 16.13
CA ILE A 846 22.82 -10.83 16.78
C ILE A 846 21.90 -10.01 15.88
N ALA A 847 21.05 -9.19 16.48
CA ALA A 847 20.09 -8.39 15.77
C ALA A 847 20.08 -6.99 16.35
N TRP A 848 19.80 -5.99 15.52
CA TRP A 848 19.74 -4.61 15.98
C TRP A 848 18.72 -3.84 15.14
N PRO A 849 18.32 -2.63 15.58
CA PRO A 849 17.22 -1.95 14.89
C PRO A 849 17.49 -1.73 13.41
N SER A 850 16.52 -2.03 12.56
CA SER A 850 16.71 -1.87 11.11
C SER A 850 16.80 -0.39 10.75
N GLY A 851 17.39 -0.13 9.58
CA GLY A 851 17.61 1.23 9.13
C GLY A 851 18.71 1.98 9.88
N THR A 852 19.44 1.28 10.76
CA THR A 852 20.46 1.92 11.58
C THR A 852 21.79 1.17 11.52
N GLU A 853 22.86 1.92 11.74
CA GLU A 853 24.17 1.33 12.01
C GLU A 853 24.15 0.77 13.41
N ILE A 854 24.78 -0.38 13.62
CA ILE A 854 24.87 -0.95 14.96
C ILE A 854 25.81 -0.09 15.80
N THR A 855 25.49 0.09 17.07
CA THR A 855 26.23 1.00 17.96
C THR A 855 27.74 0.71 18.00
N ASP A 856 28.53 1.79 18.11
CA ASP A 856 29.99 1.75 17.86
C ASP A 856 30.80 0.75 18.68
N LEU A 857 30.46 0.57 19.95
CA LEU A 857 31.30 -0.23 20.84
C LEU A 857 31.19 -1.74 20.58
N ILE A 858 30.15 -2.19 19.88
CA ILE A 858 30.06 -3.59 19.47
C ILE A 858 30.17 -3.80 17.96
N LYS A 859 30.11 -2.72 17.19
CA LYS A 859 30.22 -2.81 15.73
C LYS A 859 31.50 -3.53 15.30
N ASP A 860 32.64 -3.11 15.84
CA ASP A 860 33.91 -3.75 15.50
C ASP A 860 33.88 -5.26 15.78
N ASP A 861 33.24 -5.66 16.87
CA ASP A 861 33.14 -7.07 17.23
C ASP A 861 32.19 -7.83 16.30
N VAL A 862 31.06 -7.22 15.97
CA VAL A 862 30.14 -7.84 15.02
C VAL A 862 30.86 -8.05 13.68
N LEU A 863 31.55 -7.01 13.21
CA LEU A 863 32.29 -7.10 11.95
C LEU A 863 33.35 -8.22 12.00
N HIS A 864 34.05 -8.33 13.13
CA HIS A 864 35.09 -9.34 13.27
C HIS A 864 34.53 -10.77 13.34
N TRP A 865 33.35 -10.93 13.92
CA TRP A 865 32.79 -12.26 14.18
C TRP A 865 31.64 -12.69 13.27
N MET A 866 31.23 -11.80 12.35
CA MET A 866 30.22 -12.11 11.32
C MET A 866 30.51 -13.41 10.61
N ASP A 867 29.51 -14.28 10.50
CA ASP A 867 29.68 -15.55 9.80
C ASP A 867 29.26 -15.45 8.34
N TYR A 868 30.20 -15.04 7.49
CA TYR A 868 29.97 -14.90 6.05
C TYR A 868 29.60 -16.21 5.37
N THR A 869 30.18 -17.32 5.83
CA THR A 869 29.91 -18.62 5.23
C THR A 869 28.43 -19.00 5.39
N VAL A 870 27.94 -18.89 6.62
CA VAL A 870 26.54 -19.18 6.92
C VAL A 870 25.62 -18.21 6.18
N LEU A 871 25.96 -16.92 6.24
CA LEU A 871 25.23 -15.87 5.54
C LEU A 871 25.03 -16.22 4.06
N LEU A 872 26.13 -16.57 3.39
CA LEU A 872 26.09 -16.91 1.96
C LEU A 872 25.23 -18.14 1.69
N GLU A 873 25.41 -19.19 2.48
CA GLU A 873 24.66 -20.43 2.28
C GLU A 873 23.16 -20.23 2.44
N LYS A 874 22.78 -19.53 3.49
CA LYS A 874 21.36 -19.36 3.83
C LYS A 874 20.62 -18.39 2.93
N THR A 875 21.23 -17.24 2.64
CA THR A 875 20.53 -16.17 1.92
C THR A 875 20.74 -16.24 0.41
N PHE A 876 21.85 -16.83 -0.05
CA PHE A 876 22.18 -16.80 -1.47
C PHE A 876 22.19 -18.19 -2.12
N ILE A 877 23.03 -19.09 -1.61
CA ILE A 877 23.19 -20.40 -2.26
C ILE A 877 21.90 -21.23 -2.20
N LYS A 878 21.24 -21.27 -1.04
CA LYS A 878 20.05 -22.10 -0.91
C LYS A 878 18.93 -21.64 -1.87
N PRO A 879 18.61 -20.34 -1.89
CA PRO A 879 17.62 -19.89 -2.89
C PRO A 879 18.05 -20.14 -4.34
N LEU A 880 19.30 -19.86 -4.66
CA LEU A 880 19.82 -20.07 -6.02
C LEU A 880 19.74 -21.55 -6.43
N GLU A 881 20.08 -22.45 -5.50
CA GLU A 881 19.94 -23.90 -5.70
C GLU A 881 18.50 -24.27 -6.07
N GLY A 882 17.54 -23.63 -5.42
CA GLY A 882 16.13 -23.82 -5.74
C GLY A 882 15.77 -23.32 -7.13
N PHE A 883 16.28 -22.14 -7.51
CA PHE A 883 15.99 -21.57 -8.83
C PHE A 883 16.54 -22.50 -9.91
N THR A 884 17.79 -22.92 -9.73
CA THR A 884 18.51 -23.67 -10.75
C THR A 884 18.04 -25.12 -10.89
N SER A 885 17.70 -25.75 -9.77
CA SER A 885 17.16 -27.12 -9.83
C SER A 885 15.82 -27.09 -10.55
N ALA A 886 14.99 -26.09 -10.26
CA ALA A 886 13.72 -25.93 -10.95
C ALA A 886 13.93 -25.73 -12.45
N ALA A 887 14.88 -24.87 -12.81
CA ALA A 887 15.18 -24.55 -14.21
C ALA A 887 16.01 -25.61 -14.94
N LYS A 888 16.48 -26.62 -14.19
CA LYS A 888 17.30 -27.70 -14.72
C LYS A 888 18.61 -27.14 -15.29
N LEU A 889 19.25 -26.29 -14.50
CA LEU A 889 20.52 -25.64 -14.83
C LEU A 889 21.49 -25.87 -13.69
N ASP A 890 22.79 -25.71 -13.97
CA ASP A 890 23.83 -25.79 -12.94
C ASP A 890 24.46 -24.40 -12.76
N TYR A 891 24.56 -23.94 -11.51
CA TYR A 891 25.24 -22.68 -11.22
C TYR A 891 26.75 -22.86 -11.07
N GLU A 892 27.21 -24.11 -11.04
CA GLU A 892 28.63 -24.43 -11.12
C GLU A 892 28.89 -25.41 -12.26
N LYS A 893 29.94 -25.15 -13.02
CA LYS A 893 30.30 -26.02 -14.15
C LYS A 893 30.76 -27.38 -13.64
N LYS A 894 30.08 -28.44 -14.08
CA LYS A 894 30.45 -29.79 -13.65
C LYS A 894 31.50 -30.37 -14.60
N ALA A 895 32.23 -31.36 -14.09
CA ALA A 895 33.37 -31.93 -14.83
C ALA A 895 32.94 -32.59 -16.13
N SER A 896 33.83 -32.55 -17.13
CA SER A 896 33.60 -33.20 -18.41
C SER A 896 34.88 -33.87 -18.90
N LEU A 897 34.77 -34.58 -20.02
CA LEU A 897 35.92 -35.26 -20.63
C LEU A 897 36.97 -34.27 -21.14
N PHE A 898 36.56 -33.05 -21.47
CA PHE A 898 37.49 -32.03 -21.97
C PHE A 898 38.53 -31.56 -20.96
N ASP A 899 38.23 -31.73 -19.67
CA ASP A 899 39.17 -31.39 -18.60
C ASP A 899 40.49 -32.17 -18.69
N MET A 900 40.49 -33.31 -19.38
CA MET A 900 41.71 -34.11 -19.59
C MET A 900 42.71 -33.49 -20.59
N PHE A 901 42.30 -32.41 -21.27
CA PHE A 901 43.20 -31.69 -22.16
C PHE A 901 43.62 -30.36 -21.55
PA TTP D . -5.65 -9.24 -9.16
O1A TTP D . -4.35 -8.82 -8.53
O2A TTP D . -5.65 -9.98 -10.48
O3A TTP D . -6.48 -7.88 -9.26
PB TTP D . -7.93 -7.59 -9.89
O1B TTP D . -8.85 -7.22 -8.76
O2B TTP D . -8.33 -8.70 -10.84
O3B TTP D . -7.63 -6.24 -10.71
PG TTP D . -6.77 -6.09 -12.08
O1G TTP D . -6.26 -7.46 -12.45
O2G TTP D . -7.77 -5.47 -13.00
O3G TTP D . -5.67 -5.14 -11.69
O5' TTP D . -6.39 -10.14 -8.05
C5' TTP D . -7.45 -11.03 -8.38
C4' TTP D . -8.43 -11.07 -7.23
O4' TTP D . -7.80 -11.49 -6.02
C3' TTP D . -9.05 -9.73 -6.90
O3' TTP D . -10.11 -9.36 -7.79
C2' TTP D . -9.50 -9.95 -5.48
C1' TTP D . -8.39 -10.84 -4.90
N1 TTP D . -7.50 -9.90 -4.21
C2 TTP D . -7.82 -9.48 -2.91
O2 TTP D . -8.82 -9.94 -2.34
N3 TTP D . -7.05 -8.58 -2.27
C4 TTP D . -5.96 -8.04 -2.85
O4 TTP D . -5.26 -7.20 -2.23
C5 TTP D . -5.62 -8.46 -4.24
C5M TTP D . -4.42 -7.90 -4.96
C6 TTP D . -6.44 -9.38 -4.86
CA CA E . -7.05 -9.60 -12.44
CA CA F . -3.43 -10.98 -11.48
CA CA G . 17.28 12.30 -31.61
CA CA H . -5.42 -6.33 -17.75
CA CA I . 14.35 14.44 14.37
CA CA J . 34.37 -3.59 20.70
CA CA K . -10.50 -8.71 -24.75
CA CA L . -2.80 -6.32 -14.43
CA CA M . 1.32 14.20 32.94
#